data_5JOZ
#
_entry.id   5JOZ
#
_cell.length_a   91.460
_cell.length_b   71.400
_cell.length_c   160.300
_cell.angle_alpha   90.00
_cell.angle_beta   94.78
_cell.angle_gamma   90.00
#
_symmetry.space_group_name_H-M   'C 1 2 1'
#
loop_
_entity.id
_entity.type
_entity.pdbx_description
1 polymer 'Non-reducing end alpha-L-arabinofuranosidase BoGH43B'
2 non-polymer 'CALCIUM ION'
3 water water
#
_entity_poly.entity_id   1
_entity_poly.type   'polypeptide(L)'
_entity_poly.pdbx_seq_one_letter_code
;MQKTFRNPIITGMNPDPSICRVGDDFYLVTSTFEYFPGLPVYHSKDLVHWKLIGHALSRPENNPLMGCNASTGGQYAPTL
RYHDGTFYVIGTNYGGKGSQGVFYVTAKNPAGPWSDPVWVGNWYVDPSIEFIDGKMYFLSPDNQGSFLLGVMDPETGTFV
EALRKVASGLGGSSPEGPHFYKIGDYYYIMSAEGGTGYEHREVIQRSKSPWGPYEPSPVNPVLSNMNCPDHPFQAIGHAD
LVQLKDGSWWAVCLGIRPVNGKYQHLGRETFLAPVTWDADGWPKVGKDGVVQETYLFPNLPSHVWMEQPVRDDFDQETLG
LDWTFIRNPAHSFWSLTEKPGSLRLKGTAINFTTNDSPSFIGRRQAAFNLTASAKVNFIPKVENEEAGLVVRADDKNHYD
LLITERNGQRVAMIRKTLKDKVVDTTCKELPATGEVILSITATETTYTFEIKAAHVSAILGTASTRDVSNEVVGGFTGVF
IGMYASGNGQANTNPADFDWFDFRCLDLEHHHHHH
;
_entity_poly.pdbx_strand_id   A,B
#
loop_
_chem_comp.id
_chem_comp.type
_chem_comp.name
_chem_comp.formula
CA non-polymer 'CALCIUM ION' 'Ca 2'
#
# COMPACT_ATOMS: atom_id res chain seq x y z
N LYS A 3 -4.42 21.47 -19.03
CA LYS A 3 -5.15 20.51 -18.13
C LYS A 3 -6.38 21.13 -17.46
N THR A 4 -7.42 20.31 -17.32
CA THR A 4 -8.62 20.64 -16.60
C THR A 4 -9.01 19.46 -15.68
N PHE A 5 -10.03 19.68 -14.85
CA PHE A 5 -10.59 18.57 -14.07
C PHE A 5 -12.09 18.72 -14.08
N ARG A 6 -12.80 17.61 -13.87
CA ARG A 6 -14.26 17.59 -13.80
C ARG A 6 -14.64 17.46 -12.34
N ASN A 7 -15.60 18.28 -11.90
CA ASN A 7 -16.28 18.12 -10.63
C ASN A 7 -17.36 17.02 -10.75
N PRO A 8 -17.70 16.35 -9.64
CA PRO A 8 -17.11 16.56 -8.31
C PRO A 8 -15.78 15.85 -8.16
N ILE A 9 -14.98 16.28 -7.18
CA ILE A 9 -13.66 15.68 -6.93
C ILE A 9 -13.71 14.41 -6.06
N ILE A 10 -14.70 14.32 -5.17
CA ILE A 10 -14.92 13.09 -4.41
C ILE A 10 -16.40 12.79 -4.42
N THR A 11 -16.75 11.61 -4.94
CA THR A 11 -18.14 11.24 -5.21
C THR A 11 -18.67 10.30 -4.14
N GLY A 12 -19.97 10.03 -4.18
CA GLY A 12 -20.62 9.24 -3.12
C GLY A 12 -20.73 10.09 -1.86
N MET A 13 -21.31 9.52 -0.81
CA MET A 13 -21.62 10.30 0.37
C MET A 13 -20.35 10.78 1.03
N ASN A 14 -20.10 12.09 0.88
CA ASN A 14 -18.88 12.75 1.34
C ASN A 14 -19.18 14.23 1.66
N PRO A 15 -20.06 14.48 2.63
CA PRO A 15 -20.48 15.84 2.91
C PRO A 15 -19.53 16.61 3.84
N ASP A 16 -19.75 17.92 3.89
CA ASP A 16 -19.13 18.82 4.88
C ASP A 16 -17.60 18.78 4.81
N PRO A 17 -17.04 18.97 3.60
CA PRO A 17 -15.61 18.78 3.44
C PRO A 17 -14.82 19.82 4.21
N SER A 18 -13.78 19.38 4.93
CA SER A 18 -12.81 20.30 5.53
C SER A 18 -11.39 19.94 5.10
N ILE A 19 -10.62 20.94 4.71
CA ILE A 19 -9.30 20.74 4.09
C ILE A 19 -8.17 21.43 4.85
N CYS A 20 -6.96 20.89 4.76
CA CYS A 20 -5.76 21.62 5.16
C CYS A 20 -4.58 21.21 4.31
N ARG A 21 -3.68 22.15 4.10
CA ARG A 21 -2.45 21.93 3.35
C ARG A 21 -1.29 21.94 4.34
N VAL A 22 -0.47 20.90 4.25
CA VAL A 22 0.74 20.76 5.04
C VAL A 22 1.89 20.56 4.04
N GLY A 23 2.59 21.64 3.68
CA GLY A 23 3.65 21.56 2.68
C GLY A 23 3.06 21.21 1.32
N ASP A 24 3.58 20.17 0.67
CA ASP A 24 3.03 19.69 -0.61
C ASP A 24 1.81 18.77 -0.48
N ASP A 25 1.41 18.43 0.74
CA ASP A 25 0.32 17.48 0.96
C ASP A 25 -0.98 18.15 1.40
N PHE A 26 -2.09 17.67 0.84
CA PHE A 26 -3.44 18.12 1.18
C PHE A 26 -4.19 16.98 1.84
N TYR A 27 -4.95 17.31 2.88
CA TYR A 27 -5.75 16.34 3.62
C TYR A 27 -7.17 16.87 3.77
N LEU A 28 -8.13 15.96 3.75
CA LEU A 28 -9.53 16.32 3.73
C LEU A 28 -10.37 15.29 4.46
N VAL A 29 -11.37 15.78 5.19
CA VAL A 29 -12.32 14.95 5.91
C VAL A 29 -13.72 15.30 5.52
N THR A 30 -14.61 14.30 5.65
CA THR A 30 -16.02 14.46 5.39
C THR A 30 -16.81 13.80 6.51
N SER A 31 -18.05 14.24 6.70
CA SER A 31 -18.94 13.71 7.73
C SER A 31 -19.53 12.32 7.42
N THR A 32 -19.75 11.54 8.47
CA THR A 32 -20.13 10.13 8.36
C THR A 32 -21.42 9.72 9.09
N PHE A 33 -21.89 10.51 10.05
CA PHE A 33 -23.16 10.23 10.74
C PHE A 33 -23.10 8.87 11.46
N GLU A 34 -23.99 7.93 11.17
CA GLU A 34 -24.01 6.66 11.91
C GLU A 34 -22.96 5.64 11.44
N TYR A 35 -22.13 5.98 10.44
CA TYR A 35 -21.22 5.00 9.82
C TYR A 35 -19.85 4.94 10.48
N PHE A 36 -19.31 3.72 10.60
CA PHE A 36 -18.02 3.45 11.26
C PHE A 36 -17.11 2.71 10.30
N PRO A 37 -15.82 3.02 10.25
CA PRO A 37 -15.18 4.13 10.95
C PRO A 37 -15.65 5.54 10.48
N GLY A 38 -15.49 6.51 11.37
CA GLY A 38 -16.03 7.85 11.15
C GLY A 38 -14.97 8.77 10.62
N LEU A 39 -15.41 9.81 9.91
CA LEU A 39 -14.54 10.88 9.41
C LEU A 39 -13.35 10.39 8.59
N PRO A 40 -13.61 9.90 7.37
CA PRO A 40 -12.50 9.46 6.54
C PRO A 40 -11.54 10.60 6.21
N VAL A 41 -10.25 10.27 6.16
CA VAL A 41 -9.19 11.20 5.82
C VAL A 41 -8.68 10.86 4.43
N TYR A 42 -8.91 11.76 3.48
CA TYR A 42 -8.39 11.63 2.11
C TYR A 42 -7.09 12.46 1.95
N HIS A 43 -6.22 12.02 1.05
CA HIS A 43 -4.92 12.64 0.81
C HIS A 43 -4.80 12.99 -0.68
N SER A 44 -4.30 14.19 -0.99
CA SER A 44 -3.99 14.58 -2.36
C SER A 44 -2.70 15.41 -2.44
N LYS A 45 -2.10 15.44 -3.62
CA LYS A 45 -1.02 16.38 -3.97
C LYS A 45 -1.41 17.44 -5.03
N ASP A 46 -2.60 17.32 -5.61
CA ASP A 46 -3.04 18.25 -6.66
C ASP A 46 -4.47 18.82 -6.48
N LEU A 47 -5.07 18.59 -5.30
CA LEU A 47 -6.49 18.93 -4.98
C LEU A 47 -7.57 18.19 -5.77
N VAL A 48 -7.18 17.37 -6.75
CA VAL A 48 -8.11 16.77 -7.70
C VAL A 48 -8.22 15.28 -7.50
N HIS A 49 -7.07 14.59 -7.39
CA HIS A 49 -7.03 13.16 -7.22
C HIS A 49 -6.81 12.83 -5.74
N TRP A 50 -7.78 12.13 -5.18
CA TRP A 50 -7.82 11.86 -3.75
C TRP A 50 -7.73 10.37 -3.47
N LYS A 51 -7.02 10.03 -2.41
CA LYS A 51 -6.84 8.66 -1.95
C LYS A 51 -7.21 8.58 -0.48
N LEU A 52 -7.98 7.56 -0.13
CA LEU A 52 -8.39 7.34 1.24
C LEU A 52 -7.20 6.73 1.97
N ILE A 53 -6.81 7.33 3.10
CA ILE A 53 -5.65 6.84 3.89
C ILE A 53 -5.96 6.39 5.33
N GLY A 54 -7.12 6.78 5.85
CA GLY A 54 -7.49 6.40 7.20
C GLY A 54 -8.81 7.04 7.57
N HIS A 55 -9.16 6.94 8.85
CA HIS A 55 -10.33 7.61 9.39
C HIS A 55 -9.92 8.23 10.71
N ALA A 56 -10.45 9.42 11.00
CA ALA A 56 -10.13 10.09 12.27
C ALA A 56 -10.66 9.26 13.44
N LEU A 57 -11.81 8.62 13.24
CA LEU A 57 -12.48 7.88 14.30
C LEU A 57 -12.57 6.38 13.92
N SER A 58 -11.43 5.72 14.03
CA SER A 58 -11.25 4.29 13.70
C SER A 58 -11.46 3.31 14.88
N ARG A 59 -11.84 3.82 16.06
CA ARG A 59 -12.03 2.97 17.25
C ARG A 59 -13.35 3.30 17.94
N PRO A 60 -13.94 2.33 18.67
CA PRO A 60 -15.20 2.63 19.37
C PRO A 60 -15.12 3.71 20.49
N GLU A 61 -13.96 3.89 21.11
CA GLU A 61 -13.85 4.91 22.17
C GLU A 61 -13.84 6.35 21.64
N ASN A 62 -13.37 6.56 20.40
CA ASN A 62 -13.48 7.88 19.73
C ASN A 62 -14.65 8.04 18.72
N ASN A 63 -15.44 6.99 18.50
CA ASN A 63 -16.74 7.14 17.80
C ASN A 63 -17.82 6.31 18.53
N PRO A 64 -18.29 6.80 19.69
CA PRO A 64 -19.45 6.17 20.35
C PRO A 64 -20.73 6.42 19.58
N LEU A 65 -21.33 5.35 19.03
CA LEU A 65 -22.46 5.49 18.10
C LEU A 65 -23.75 4.75 18.49
N MET A 66 -23.70 3.89 19.52
CA MET A 66 -24.84 3.02 19.82
C MET A 66 -26.06 3.84 20.24
N GLY A 67 -27.22 3.46 19.74
CA GLY A 67 -28.46 4.18 20.01
C GLY A 67 -28.73 5.36 19.09
N CYS A 68 -27.75 5.80 18.30
CA CYS A 68 -27.92 6.98 17.44
C CYS A 68 -28.89 6.68 16.29
N ASN A 69 -29.65 7.69 15.89
CA ASN A 69 -30.56 7.57 14.75
C ASN A 69 -29.77 7.43 13.46
N ALA A 70 -30.33 6.68 12.53
CA ALA A 70 -29.77 6.58 11.18
C ALA A 70 -30.01 7.91 10.50
N SER A 71 -28.96 8.43 9.87
CA SER A 71 -29.06 9.56 8.94
C SER A 71 -29.06 10.93 9.62
N THR A 72 -29.58 11.03 10.84
CA THR A 72 -29.57 12.27 11.65
C THR A 72 -28.79 12.15 12.96
N GLY A 73 -28.22 10.98 13.25
CA GLY A 73 -27.34 10.80 14.42
C GLY A 73 -25.90 10.56 14.01
N GLY A 74 -25.02 10.58 15.01
CA GLY A 74 -23.59 10.33 14.84
C GLY A 74 -22.76 11.56 14.46
N GLN A 75 -21.77 11.35 13.59
CA GLN A 75 -20.79 12.39 13.26
C GLN A 75 -21.28 13.41 12.23
N TYR A 76 -21.33 14.69 12.64
CA TYR A 76 -21.76 15.82 11.81
C TYR A 76 -20.48 16.49 11.28
N ALA A 77 -20.59 17.69 10.72
CA ALA A 77 -19.46 18.36 10.05
C ALA A 77 -18.19 18.42 10.91
N PRO A 78 -17.09 17.84 10.41
CA PRO A 78 -15.80 17.95 11.04
C PRO A 78 -14.99 19.11 10.47
N THR A 79 -14.07 19.64 11.26
CA THR A 79 -13.07 20.57 10.73
C THR A 79 -11.67 19.95 10.98
N LEU A 80 -10.80 20.03 9.97
CA LEU A 80 -9.44 19.45 10.00
C LEU A 80 -8.40 20.56 9.92
N ARG A 81 -7.48 20.61 10.88
CA ARG A 81 -6.39 21.59 10.85
C ARG A 81 -5.07 20.96 11.27
N TYR A 82 -4.00 21.70 11.05
CA TYR A 82 -2.63 21.25 11.34
C TYR A 82 -1.82 22.38 11.99
N HIS A 83 -1.14 22.06 13.09
CA HIS A 83 -0.26 23.01 13.78
C HIS A 83 0.90 22.31 14.52
N ASP A 84 2.12 22.73 14.19
CA ASP A 84 3.34 22.25 14.85
C ASP A 84 3.42 20.73 15.00
N GLY A 85 3.48 20.06 13.86
CA GLY A 85 3.65 18.60 13.82
C GLY A 85 2.45 17.76 14.25
N THR A 86 1.29 18.39 14.47
CA THR A 86 0.11 17.72 14.99
C THR A 86 -1.16 18.10 14.18
N PHE A 87 -1.92 17.09 13.74
CA PHE A 87 -3.19 17.28 13.05
C PHE A 87 -4.30 17.28 14.08
N TYR A 88 -5.34 18.09 13.85
CA TYR A 88 -6.48 18.21 14.75
C TYR A 88 -7.76 18.04 13.94
N VAL A 89 -8.68 17.22 14.43
CA VAL A 89 -9.99 17.10 13.82
C VAL A 89 -11.06 17.28 14.89
N ILE A 90 -11.86 18.34 14.74
CA ILE A 90 -12.93 18.67 15.66
C ILE A 90 -14.25 18.38 14.96
N GLY A 91 -15.22 17.84 15.69
CA GLY A 91 -16.57 17.64 15.16
C GLY A 91 -17.58 17.52 16.27
N THR A 92 -18.79 17.13 15.92
CA THR A 92 -19.85 16.87 16.91
C THR A 92 -20.47 15.48 16.71
N ASN A 93 -20.68 14.76 17.80
CA ASN A 93 -21.38 13.46 17.82
C ASN A 93 -22.75 13.68 18.49
N TYR A 94 -23.84 13.45 17.76
CA TYR A 94 -25.19 13.52 18.31
C TYR A 94 -25.82 12.15 18.39
N GLY A 95 -26.17 11.73 19.61
CA GLY A 95 -27.07 10.58 19.81
C GLY A 95 -26.45 9.28 20.24
N GLY A 96 -25.13 9.16 20.11
CA GLY A 96 -24.42 7.96 20.55
C GLY A 96 -24.27 7.89 22.06
N LYS A 97 -24.48 6.70 22.63
CA LYS A 97 -24.36 6.50 24.06
C LYS A 97 -22.92 6.75 24.46
N GLY A 98 -22.73 7.71 25.37
CA GLY A 98 -21.42 8.14 25.83
C GLY A 98 -20.87 9.38 25.14
N SER A 99 -21.65 10.00 24.26
CA SER A 99 -21.23 11.24 23.59
C SER A 99 -21.52 12.44 24.50
N GLN A 100 -20.51 13.28 24.67
CA GLN A 100 -20.63 14.58 25.32
C GLN A 100 -20.67 15.73 24.29
N GLY A 101 -20.95 15.44 23.01
CA GLY A 101 -21.18 16.47 22.00
C GLY A 101 -19.93 16.79 21.21
N VAL A 102 -19.41 18.01 21.35
CA VAL A 102 -18.27 18.45 20.57
C VAL A 102 -16.99 17.83 21.11
N PHE A 103 -16.16 17.30 20.21
CA PHE A 103 -14.88 16.68 20.58
C PHE A 103 -13.82 17.02 19.54
N TYR A 104 -12.55 16.84 19.88
CA TYR A 104 -11.53 16.71 18.87
C TYR A 104 -10.58 15.57 19.17
N VAL A 105 -9.87 15.14 18.12
CA VAL A 105 -8.83 14.12 18.19
C VAL A 105 -7.61 14.61 17.44
N THR A 106 -6.44 14.06 17.79
CA THR A 106 -5.16 14.52 17.27
C THR A 106 -4.30 13.37 16.74
N ALA A 107 -3.32 13.72 15.89
CA ALA A 107 -2.40 12.73 15.33
C ALA A 107 -1.11 13.36 14.81
N LYS A 108 -0.03 12.58 14.82
CA LYS A 108 1.22 12.95 14.16
C LYS A 108 1.13 12.53 12.69
N ASN A 109 0.56 11.34 12.44
CA ASN A 109 0.36 10.79 11.10
C ASN A 109 -1.15 10.89 10.79
N PRO A 110 -1.52 11.57 9.69
CA PRO A 110 -2.94 11.69 9.38
C PRO A 110 -3.60 10.35 8.97
N ALA A 111 -2.79 9.36 8.58
CA ALA A 111 -3.27 7.99 8.38
C ALA A 111 -3.68 7.31 9.67
N GLY A 112 -3.16 7.79 10.80
CA GLY A 112 -3.44 7.24 12.13
C GLY A 112 -2.14 6.75 12.78
N PRO A 113 -2.17 6.42 14.07
CA PRO A 113 -3.37 6.40 14.92
C PRO A 113 -3.79 7.79 15.44
N TRP A 114 -5.08 7.99 15.62
CA TRP A 114 -5.61 9.20 16.24
C TRP A 114 -5.87 8.95 17.72
N SER A 115 -5.83 10.01 18.52
CA SER A 115 -6.12 9.95 19.95
C SER A 115 -7.58 9.65 20.27
N ASP A 116 -7.83 9.41 21.56
CA ASP A 116 -9.19 9.37 22.13
C ASP A 116 -9.73 10.80 22.11
N PRO A 117 -11.06 10.97 22.27
CA PRO A 117 -11.58 12.32 22.15
C PRO A 117 -11.25 13.22 23.35
N VAL A 118 -11.00 14.48 23.04
CA VAL A 118 -10.94 15.54 24.02
C VAL A 118 -12.29 16.26 23.91
N TRP A 119 -13.16 15.98 24.88
CA TRP A 119 -14.50 16.57 24.91
C TRP A 119 -14.38 18.00 25.47
N VAL A 120 -14.87 18.96 24.69
CA VAL A 120 -14.76 20.38 24.99
C VAL A 120 -15.93 20.90 25.85
N GLY A 121 -17.04 20.16 25.85
CA GLY A 121 -18.12 20.38 26.79
C GLY A 121 -19.25 21.25 26.29
N ASN A 122 -19.62 21.08 25.02
CA ASN A 122 -20.85 21.69 24.49
C ASN A 122 -21.40 20.86 23.33
N TRP A 123 -22.61 21.22 22.88
CA TRP A 123 -23.31 20.49 21.85
C TRP A 123 -23.49 21.32 20.56
N TYR A 124 -22.59 22.27 20.30
CA TYR A 124 -22.73 23.12 19.12
C TYR A 124 -22.43 22.32 17.84
N VAL A 125 -23.23 22.54 16.82
CA VAL A 125 -23.01 21.93 15.51
C VAL A 125 -21.91 22.73 14.79
N ASP A 126 -21.19 22.07 13.90
CA ASP A 126 -20.21 22.72 13.04
C ASP A 126 -19.12 23.49 13.80
N PRO A 127 -18.52 22.86 14.81
CA PRO A 127 -17.41 23.54 15.47
C PRO A 127 -16.24 23.65 14.52
N SER A 128 -15.58 24.81 14.49
CA SER A 128 -14.40 24.98 13.66
C SER A 128 -13.25 25.48 14.50
N ILE A 129 -12.03 25.14 14.10
CA ILE A 129 -10.83 25.64 14.76
C ILE A 129 -9.91 26.29 13.75
N GLU A 130 -9.10 27.23 14.24
CA GLU A 130 -8.03 27.81 13.45
C GLU A 130 -6.88 28.22 14.35
N PHE A 131 -5.66 28.06 13.83
CA PHE A 131 -4.44 28.44 14.53
C PHE A 131 -3.88 29.76 14.00
N ILE A 132 -3.97 30.80 14.81
CA ILE A 132 -3.51 32.15 14.45
C ILE A 132 -2.82 32.80 15.64
N ASP A 133 -1.66 33.42 15.44
CA ASP A 133 -0.95 34.22 16.47
C ASP A 133 -0.65 33.37 17.72
N GLY A 134 -0.25 32.12 17.49
CA GLY A 134 -0.02 31.16 18.58
C GLY A 134 -1.22 30.80 19.46
N LYS A 135 -2.44 30.99 18.95
CA LYS A 135 -3.68 30.68 19.66
C LYS A 135 -4.52 29.73 18.82
N MET A 136 -5.29 28.90 19.52
CA MET A 136 -6.21 27.97 18.89
C MET A 136 -7.63 28.50 19.08
N TYR A 137 -8.15 29.13 18.02
CA TYR A 137 -9.51 29.69 18.03
C TYR A 137 -10.56 28.61 17.82
N PHE A 138 -11.70 28.75 18.49
CA PHE A 138 -12.85 27.86 18.37
C PHE A 138 -13.98 28.77 17.93
N LEU A 139 -14.57 28.48 16.78
CA LEU A 139 -15.70 29.20 16.26
C LEU A 139 -16.84 28.19 16.06
N SER A 140 -18.03 28.53 16.54
CA SER A 140 -19.21 27.73 16.29
C SER A 140 -20.45 28.61 16.22
N PRO A 141 -21.52 28.13 15.54
CA PRO A 141 -22.83 28.75 15.70
C PRO A 141 -23.43 28.37 17.04
N ASP A 142 -24.42 29.14 17.50
CA ASP A 142 -25.05 28.92 18.81
C ASP A 142 -26.49 28.37 18.74
N ASN A 143 -26.91 27.91 17.56
CA ASN A 143 -28.28 27.43 17.32
C ASN A 143 -29.35 28.50 17.60
N GLN A 144 -28.94 29.76 17.52
CA GLN A 144 -29.83 30.92 17.66
C GLN A 144 -29.48 32.05 16.65
N GLY A 145 -28.83 31.70 15.55
CA GLY A 145 -28.45 32.64 14.50
C GLY A 145 -27.11 33.35 14.65
N SER A 146 -26.39 33.14 15.75
CA SER A 146 -25.16 33.87 16.06
C SER A 146 -23.92 32.97 15.99
N PHE A 147 -22.74 33.60 15.85
CA PHE A 147 -21.46 32.86 15.86
C PHE A 147 -20.65 33.19 17.10
N LEU A 148 -20.07 32.17 17.73
CA LEU A 148 -19.36 32.31 19.01
C LEU A 148 -17.90 32.02 18.81
N LEU A 149 -17.04 32.94 19.26
CA LEU A 149 -15.60 32.75 19.20
C LEU A 149 -15.04 32.58 20.61
N GLY A 150 -14.00 31.75 20.73
CA GLY A 150 -13.28 31.51 21.99
C GLY A 150 -11.86 31.06 21.69
N VAL A 151 -11.05 30.92 22.73
CA VAL A 151 -9.66 30.45 22.60
C VAL A 151 -9.51 29.24 23.49
N MET A 152 -8.69 28.31 23.05
CA MET A 152 -8.66 26.96 23.57
C MET A 152 -7.21 26.53 23.76
N ASP A 153 -6.94 25.81 24.84
CA ASP A 153 -5.64 25.21 25.10
C ASP A 153 -5.54 23.91 24.29
N PRO A 154 -4.55 23.82 23.37
CA PRO A 154 -4.38 22.60 22.56
C PRO A 154 -4.28 21.28 23.34
N GLU A 155 -3.61 21.33 24.49
CA GLU A 155 -3.30 20.13 25.27
C GLU A 155 -4.55 19.54 25.96
N THR A 156 -5.36 20.41 26.56
CA THR A 156 -6.45 20.00 27.44
C THR A 156 -7.86 20.16 26.85
N GLY A 157 -8.01 20.97 25.81
CA GLY A 157 -9.32 21.30 25.24
C GLY A 157 -10.17 22.28 26.04
N THR A 158 -9.56 22.93 27.04
CA THR A 158 -10.26 23.85 27.93
C THR A 158 -10.22 25.25 27.33
N PHE A 159 -11.24 26.03 27.60
CA PHE A 159 -11.28 27.42 27.13
C PHE A 159 -10.42 28.32 28.01
N VAL A 160 -9.32 28.81 27.44
CA VAL A 160 -8.49 29.84 28.08
C VAL A 160 -9.13 31.23 27.95
N GLU A 161 -9.75 31.53 26.80
CA GLU A 161 -10.63 32.69 26.62
C GLU A 161 -12.01 32.13 26.27
N ALA A 162 -13.02 32.47 27.06
CA ALA A 162 -14.34 31.86 26.92
C ALA A 162 -15.08 32.31 25.68
N LEU A 163 -16.03 31.47 25.27
CA LEU A 163 -16.92 31.74 24.15
C LEU A 163 -17.67 33.05 24.35
N ARG A 164 -17.74 33.87 23.30
CA ARG A 164 -18.67 35.00 23.25
C ARG A 164 -19.14 35.26 21.83
N LYS A 165 -20.33 35.85 21.71
CA LYS A 165 -20.89 36.28 20.42
C LYS A 165 -20.00 37.37 19.78
N VAL A 166 -19.57 37.10 18.55
CA VAL A 166 -18.76 38.05 17.75
C VAL A 166 -19.46 38.53 16.47
N ALA A 167 -20.37 37.73 15.93
CA ALA A 167 -21.05 38.09 14.67
C ALA A 167 -22.33 37.28 14.59
N SER A 168 -23.04 37.38 13.48
CA SER A 168 -24.18 36.51 13.23
C SER A 168 -24.34 36.20 11.74
N GLY A 169 -25.38 35.44 11.42
CA GLY A 169 -25.71 35.16 10.04
C GLY A 169 -26.20 36.44 9.38
N LEU A 170 -26.18 36.44 8.06
CA LEU A 170 -26.45 37.63 7.24
C LEU A 170 -27.85 37.67 6.61
N GLY A 171 -28.85 37.04 7.24
CA GLY A 171 -30.25 37.05 6.77
C GLY A 171 -30.84 35.69 6.39
N GLY A 172 -29.99 34.77 5.94
CA GLY A 172 -30.44 33.46 5.47
C GLY A 172 -30.65 32.42 6.56
N SER A 173 -31.39 31.37 6.19
CA SER A 173 -31.71 30.23 7.07
C SER A 173 -30.51 29.48 7.64
N SER A 174 -30.67 29.00 8.88
CA SER A 174 -29.74 28.08 9.54
C SER A 174 -28.26 28.41 9.31
N PRO A 175 -27.79 29.53 9.91
CA PRO A 175 -26.38 29.85 9.79
C PRO A 175 -25.54 28.69 10.29
N GLU A 176 -24.76 28.12 9.38
CA GLU A 176 -24.01 26.89 9.62
C GLU A 176 -22.59 27.09 9.14
N GLY A 177 -21.76 26.09 9.45
CA GLY A 177 -20.43 25.93 8.88
C GLY A 177 -19.46 27.09 8.90
N PRO A 178 -19.36 27.82 10.04
CA PRO A 178 -18.45 28.97 10.06
C PRO A 178 -17.00 28.56 10.17
N HIS A 179 -16.14 29.17 9.37
CA HIS A 179 -14.70 29.03 9.50
C HIS A 179 -14.08 30.39 9.72
N PHE A 180 -12.95 30.38 10.42
CA PHE A 180 -12.25 31.57 10.85
C PHE A 180 -10.91 31.60 10.10
N TYR A 181 -10.63 32.71 9.41
CA TYR A 181 -9.34 32.89 8.74
C TYR A 181 -8.75 34.27 9.02
N LYS A 182 -7.42 34.32 9.16
CA LYS A 182 -6.72 35.60 9.26
C LYS A 182 -6.00 35.73 7.96
N ILE A 183 -6.51 36.58 7.08
CA ILE A 183 -5.96 36.77 5.75
C ILE A 183 -5.67 38.26 5.58
N GLY A 184 -4.40 38.60 5.35
CA GLY A 184 -4.00 40.00 5.20
C GLY A 184 -4.40 40.80 6.43
N ASP A 185 -5.00 41.96 6.22
CA ASP A 185 -5.37 42.87 7.33
C ASP A 185 -6.52 42.39 8.21
N TYR A 186 -7.35 41.47 7.72
CA TYR A 186 -8.64 41.15 8.35
C TYR A 186 -8.82 39.72 8.85
N TYR A 187 -9.66 39.57 9.86
CA TYR A 187 -10.16 38.26 10.30
C TYR A 187 -11.47 38.04 9.57
N TYR A 188 -11.64 36.86 8.97
CA TYR A 188 -12.82 36.54 8.17
C TYR A 188 -13.57 35.39 8.78
N ILE A 189 -14.89 35.52 8.79
CA ILE A 189 -15.81 34.44 9.14
C ILE A 189 -16.58 34.13 7.86
N MET A 190 -16.33 32.93 7.31
CA MET A 190 -17.02 32.46 6.11
C MET A 190 -17.98 31.39 6.61
N SER A 191 -19.21 31.40 6.10
CA SER A 191 -20.24 30.51 6.64
C SER A 191 -21.27 30.15 5.57
N ALA A 192 -22.13 29.22 5.92
CA ALA A 192 -23.18 28.72 5.06
C ALA A 192 -24.55 29.18 5.57
N GLU A 193 -25.49 29.43 4.64
CA GLU A 193 -26.86 29.85 4.93
C GLU A 193 -27.79 29.36 3.83
N GLY A 194 -29.10 29.42 4.08
CA GLY A 194 -30.12 29.03 3.09
C GLY A 194 -30.78 27.69 3.37
N GLY A 195 -30.00 26.73 3.88
CA GLY A 195 -30.51 25.41 4.30
C GLY A 195 -29.80 24.25 3.60
N THR A 196 -30.51 23.13 3.48
CA THR A 196 -30.01 21.94 2.75
C THR A 196 -30.42 21.95 1.26
N GLY A 197 -31.35 22.84 0.89
CA GLY A 197 -31.98 22.82 -0.44
C GLY A 197 -31.35 23.72 -1.48
N TYR A 198 -32.17 24.17 -2.44
CA TYR A 198 -31.72 24.96 -3.59
C TYR A 198 -31.17 26.35 -3.22
N GLU A 199 -31.60 26.92 -2.09
CA GLU A 199 -31.15 28.26 -1.65
C GLU A 199 -29.83 28.27 -0.82
N HIS A 200 -29.21 27.10 -0.59
CA HIS A 200 -27.88 26.98 0.02
C HIS A 200 -26.84 27.89 -0.67
N ARG A 201 -26.05 28.60 0.14
CA ARG A 201 -25.01 29.51 -0.34
C ARG A 201 -23.93 29.73 0.71
N GLU A 202 -22.72 30.09 0.27
CA GLU A 202 -21.65 30.46 1.19
C GLU A 202 -21.58 31.97 1.22
N VAL A 203 -21.41 32.53 2.41
CA VAL A 203 -21.30 34.00 2.59
C VAL A 203 -20.09 34.32 3.46
N ILE A 204 -19.63 35.56 3.42
CA ILE A 204 -18.45 35.96 4.22
C ILE A 204 -18.59 37.35 4.81
N GLN A 205 -17.86 37.57 5.91
CA GLN A 205 -17.77 38.88 6.57
C GLN A 205 -16.40 39.01 7.23
N ARG A 206 -16.00 40.23 7.57
CA ARG A 206 -14.67 40.47 8.11
C ARG A 206 -14.60 41.60 9.15
N SER A 207 -13.51 41.58 9.91
CA SER A 207 -13.25 42.60 10.92
C SER A 207 -11.75 42.84 11.06
N LYS A 208 -11.38 44.03 11.52
CA LYS A 208 -10.00 44.32 11.92
C LYS A 208 -9.59 43.50 13.15
N SER A 209 -10.58 43.17 13.99
CA SER A 209 -10.37 42.39 15.21
C SER A 209 -11.11 41.05 15.20
N PRO A 210 -10.53 40.00 15.83
CA PRO A 210 -11.25 38.72 15.95
C PRO A 210 -12.64 38.85 16.57
N TRP A 211 -12.75 39.76 17.56
CA TRP A 211 -13.93 39.86 18.40
C TRP A 211 -15.00 40.76 17.80
N GLY A 212 -14.77 41.27 16.58
CA GLY A 212 -15.77 42.07 15.88
C GLY A 212 -15.64 43.57 16.13
N PRO A 213 -16.58 44.38 15.62
CA PRO A 213 -17.74 43.94 14.85
C PRO A 213 -17.39 43.59 13.40
N TYR A 214 -18.15 42.65 12.83
CA TYR A 214 -17.93 42.19 11.47
C TYR A 214 -18.90 42.87 10.53
N GLU A 215 -18.43 43.14 9.31
CA GLU A 215 -19.24 43.73 8.27
C GLU A 215 -19.29 42.78 7.06
N PRO A 216 -20.43 42.76 6.34
CA PRO A 216 -20.62 41.77 5.30
C PRO A 216 -19.87 42.09 4.00
N SER A 217 -19.62 41.07 3.20
CA SER A 217 -19.04 41.26 1.88
C SER A 217 -20.03 41.97 0.97
N PRO A 218 -19.54 42.92 0.14
CA PRO A 218 -20.38 43.52 -0.89
C PRO A 218 -20.60 42.61 -2.11
N VAL A 219 -19.88 41.51 -2.20
CA VAL A 219 -20.07 40.55 -3.29
C VAL A 219 -20.46 39.17 -2.75
N ASN A 220 -21.21 39.15 -1.64
CA ASN A 220 -21.92 37.94 -1.24
C ASN A 220 -22.94 37.52 -2.31
N PRO A 221 -23.14 36.22 -2.54
CA PRO A 221 -22.46 35.13 -1.88
C PRO A 221 -21.10 34.76 -2.49
N VAL A 222 -20.32 34.00 -1.72
CA VAL A 222 -19.00 33.55 -2.15
C VAL A 222 -19.16 32.45 -3.22
N LEU A 223 -20.03 31.48 -2.93
CA LEU A 223 -20.37 30.44 -3.90
C LEU A 223 -21.80 29.98 -3.67
N SER A 224 -22.52 29.79 -4.77
CA SER A 224 -23.88 29.25 -4.78
C SER A 224 -24.33 28.97 -6.20
N ASN A 225 -25.12 27.90 -6.36
CA ASN A 225 -25.83 27.59 -7.63
C ASN A 225 -27.35 27.90 -7.56
N MET A 226 -27.74 28.61 -6.50
CA MET A 226 -29.04 29.28 -6.36
C MET A 226 -29.61 29.93 -7.64
N ASN A 227 -28.81 30.72 -8.35
CA ASN A 227 -29.28 31.48 -9.53
C ASN A 227 -29.23 30.75 -10.88
N CYS A 228 -28.75 29.50 -10.90
CA CYS A 228 -28.83 28.64 -12.10
C CYS A 228 -29.65 27.39 -11.75
N PRO A 229 -31.00 27.43 -11.94
CA PRO A 229 -31.81 26.23 -11.70
C PRO A 229 -31.59 25.12 -12.76
N ASP A 230 -31.08 25.49 -13.93
CA ASP A 230 -30.69 24.52 -14.96
C ASP A 230 -29.41 23.72 -14.61
N HIS A 231 -28.55 24.27 -13.75
CA HIS A 231 -27.22 23.68 -13.50
C HIS A 231 -27.28 22.25 -12.95
N PRO A 232 -26.41 21.34 -13.44
CA PRO A 232 -26.41 19.94 -12.94
C PRO A 232 -26.01 19.77 -11.46
N PHE A 233 -25.23 20.71 -10.92
CA PHE A 233 -24.94 20.80 -9.47
C PHE A 233 -25.83 21.80 -8.73
N GLN A 234 -26.33 21.39 -7.56
CA GLN A 234 -27.27 22.18 -6.76
C GLN A 234 -26.92 22.06 -5.26
N ALA A 235 -27.59 22.86 -4.43
CA ALA A 235 -27.34 22.92 -2.97
C ALA A 235 -25.85 23.03 -2.60
N ILE A 236 -25.15 23.89 -3.34
CA ILE A 236 -23.73 24.12 -3.14
C ILE A 236 -23.55 24.98 -1.88
N GLY A 237 -22.64 24.58 -1.01
CA GLY A 237 -22.38 25.32 0.21
C GLY A 237 -21.49 24.54 1.16
N HIS A 238 -21.32 25.08 2.37
CA HIS A 238 -20.43 24.52 3.39
C HIS A 238 -18.99 24.36 2.87
N ALA A 239 -18.41 25.47 2.46
CA ALA A 239 -17.06 25.52 1.94
C ALA A 239 -15.98 25.66 3.02
N ASP A 240 -14.75 25.32 2.63
CA ASP A 240 -13.54 25.54 3.41
C ASP A 240 -12.44 25.99 2.45
N LEU A 241 -11.68 27.02 2.82
CA LEU A 241 -10.66 27.59 1.94
C LEU A 241 -9.30 26.91 2.15
N VAL A 242 -8.46 26.95 1.13
CA VAL A 242 -7.06 26.50 1.23
C VAL A 242 -6.20 27.36 0.31
N GLN A 243 -5.01 27.72 0.76
CA GLN A 243 -4.11 28.53 -0.05
C GLN A 243 -2.91 27.67 -0.47
N LEU A 244 -2.50 27.82 -1.73
CA LEU A 244 -1.35 27.12 -2.29
C LEU A 244 -0.06 27.94 -2.10
N LYS A 245 1.07 27.28 -2.30
CA LYS A 245 2.40 27.92 -2.25
C LYS A 245 2.61 29.05 -3.28
N ASP A 246 1.92 29.00 -4.41
CA ASP A 246 1.91 30.11 -5.36
C ASP A 246 1.00 31.27 -4.95
N GLY A 247 0.41 31.21 -3.76
CA GLY A 247 -0.45 32.28 -3.27
C GLY A 247 -1.93 32.24 -3.67
N SER A 248 -2.30 31.40 -4.64
CA SER A 248 -3.67 31.29 -5.12
C SER A 248 -4.56 30.49 -4.15
N TRP A 249 -5.86 30.69 -4.30
CA TRP A 249 -6.86 30.16 -3.37
C TRP A 249 -7.87 29.23 -4.07
N TRP A 250 -8.16 28.13 -3.39
CA TRP A 250 -9.17 27.17 -3.77
C TRP A 250 -10.13 26.94 -2.60
N ALA A 251 -11.36 26.57 -2.94
CA ALA A 251 -12.38 26.22 -1.98
C ALA A 251 -12.84 24.79 -2.24
N VAL A 252 -13.02 24.03 -1.18
CA VAL A 252 -13.83 22.81 -1.27
C VAL A 252 -15.17 23.13 -0.64
N CYS A 253 -16.20 22.46 -1.11
CA CYS A 253 -17.57 22.62 -0.61
C CYS A 253 -18.38 21.38 -0.97
N LEU A 254 -19.58 21.29 -0.41
CA LEU A 254 -20.48 20.19 -0.70
C LEU A 254 -21.52 20.62 -1.71
N GLY A 255 -22.14 19.63 -2.32
CA GLY A 255 -23.27 19.87 -3.23
C GLY A 255 -23.96 18.56 -3.55
N ILE A 256 -25.01 18.65 -4.37
CA ILE A 256 -25.73 17.45 -4.84
C ILE A 256 -25.77 17.44 -6.36
N ARG A 257 -25.91 16.24 -6.93
CA ARG A 257 -26.09 16.04 -8.37
C ARG A 257 -27.47 15.43 -8.54
N PRO A 258 -28.51 16.26 -8.78
CA PRO A 258 -29.85 15.68 -8.87
C PRO A 258 -30.09 14.90 -10.18
N VAL A 259 -31.02 13.94 -10.12
CA VAL A 259 -31.47 13.21 -11.32
C VAL A 259 -32.65 13.98 -11.90
N ASN A 260 -32.59 14.31 -13.20
CA ASN A 260 -33.61 15.16 -13.87
C ASN A 260 -33.97 16.42 -13.06
N GLY A 261 -33.00 17.00 -12.37
CA GLY A 261 -33.23 18.16 -11.51
C GLY A 261 -34.22 17.99 -10.35
N LYS A 262 -34.56 16.75 -9.95
CA LYS A 262 -35.62 16.50 -8.93
C LYS A 262 -35.13 15.89 -7.60
N TYR A 263 -34.36 14.80 -7.69
CA TYR A 263 -33.96 14.00 -6.52
C TYR A 263 -32.49 13.57 -6.54
N GLN A 264 -31.94 13.33 -5.35
CA GLN A 264 -30.56 12.87 -5.20
C GLN A 264 -30.48 11.70 -4.22
N HIS A 265 -29.74 10.67 -4.62
CA HIS A 265 -29.59 9.47 -3.79
C HIS A 265 -28.15 9.10 -3.44
N LEU A 266 -27.16 9.61 -4.19
CA LEU A 266 -25.77 9.35 -3.86
C LEU A 266 -25.29 10.11 -2.62
N GLY A 267 -26.01 11.15 -2.21
CA GLY A 267 -25.65 11.94 -1.03
C GLY A 267 -24.99 13.25 -1.44
N ARG A 268 -24.57 14.03 -0.44
CA ARG A 268 -23.87 15.26 -0.72
C ARG A 268 -22.39 14.88 -0.97
N GLU A 269 -21.86 15.37 -2.10
CA GLU A 269 -20.53 15.06 -2.57
C GLU A 269 -19.63 16.30 -2.42
N THR A 270 -18.34 16.14 -2.69
CA THR A 270 -17.35 17.18 -2.48
C THR A 270 -16.87 17.77 -3.80
N PHE A 271 -16.83 19.09 -3.85
CA PHE A 271 -16.53 19.86 -5.04
C PHE A 271 -15.32 20.76 -4.81
N LEU A 272 -14.75 21.24 -5.89
CA LEU A 272 -13.56 22.09 -5.88
C LEU A 272 -13.80 23.30 -6.77
N ALA A 273 -13.52 24.50 -6.27
CA ALA A 273 -13.66 25.71 -7.09
C ALA A 273 -12.56 26.74 -6.78
N PRO A 274 -12.07 27.44 -7.82
CA PRO A 274 -11.10 28.50 -7.62
C PRO A 274 -11.76 29.74 -7.02
N VAL A 275 -11.06 30.37 -6.08
CA VAL A 275 -11.54 31.54 -5.37
C VAL A 275 -10.66 32.72 -5.79
N THR A 276 -11.29 33.81 -6.18
CA THR A 276 -10.59 35.03 -6.61
C THR A 276 -10.89 36.16 -5.65
N TRP A 277 -9.86 36.89 -5.25
CA TRP A 277 -10.02 38.07 -4.38
C TRP A 277 -10.08 39.33 -5.21
N ASP A 278 -11.09 40.17 -4.97
CA ASP A 278 -11.21 41.45 -5.68
C ASP A 278 -10.31 42.51 -5.03
N ALA A 279 -10.28 43.69 -5.63
CA ALA A 279 -9.38 44.78 -5.23
C ALA A 279 -9.53 45.23 -3.77
N ASP A 280 -10.73 45.13 -3.21
CA ASP A 280 -11.00 45.51 -1.82
C ASP A 280 -10.75 44.38 -0.80
N GLY A 281 -10.28 43.22 -1.26
CA GLY A 281 -10.01 42.09 -0.37
C GLY A 281 -11.21 41.22 -0.05
N TRP A 282 -12.09 40.99 -1.04
CA TRP A 282 -13.27 40.15 -0.88
C TRP A 282 -13.23 38.97 -1.87
N PRO A 283 -13.47 37.75 -1.38
CA PRO A 283 -13.33 36.56 -2.23
C PRO A 283 -14.63 36.19 -2.96
N LYS A 284 -14.50 35.63 -4.15
CA LYS A 284 -15.65 35.06 -4.85
C LYS A 284 -15.21 33.98 -5.85
N VAL A 285 -16.04 32.97 -6.02
CA VAL A 285 -15.82 31.97 -7.08
C VAL A 285 -16.40 32.53 -8.37
N GLY A 286 -15.54 32.81 -9.35
CA GLY A 286 -15.98 33.32 -10.66
C GLY A 286 -16.63 34.70 -10.57
N LYS A 287 -17.44 35.02 -11.58
CA LYS A 287 -18.16 36.30 -11.61
C LYS A 287 -19.47 36.23 -10.83
N ASP A 288 -20.07 35.04 -10.78
CA ASP A 288 -21.45 34.85 -10.28
C ASP A 288 -21.57 33.90 -9.07
N GLY A 289 -20.45 33.34 -8.62
CA GLY A 289 -20.46 32.40 -7.50
C GLY A 289 -20.83 30.97 -7.83
N VAL A 290 -20.98 30.64 -9.12
CA VAL A 290 -21.50 29.34 -9.54
C VAL A 290 -20.37 28.33 -9.67
N VAL A 291 -20.51 27.22 -8.96
CA VAL A 291 -19.52 26.12 -9.01
C VAL A 291 -19.81 25.33 -10.30
N GLN A 292 -18.80 25.27 -11.18
CA GLN A 292 -18.95 24.78 -12.55
C GLN A 292 -18.52 23.31 -12.67
N GLU A 293 -18.88 22.71 -13.80
CA GLU A 293 -18.62 21.29 -14.07
C GLU A 293 -17.16 20.99 -14.25
N THR A 294 -16.45 21.86 -14.97
CA THR A 294 -15.02 21.69 -15.18
C THR A 294 -14.30 23.02 -14.94
N TYR A 295 -13.00 22.94 -14.67
CA TYR A 295 -12.16 24.13 -14.46
C TYR A 295 -10.77 23.80 -14.95
N LEU A 296 -10.01 24.87 -15.23
CA LEU A 296 -8.58 24.77 -15.38
C LEU A 296 -7.97 24.20 -14.07
N PHE A 297 -6.92 23.41 -14.26
CA PHE A 297 -6.27 22.65 -13.20
C PHE A 297 -5.59 23.62 -12.21
N PRO A 298 -5.58 23.28 -10.91
CA PRO A 298 -4.77 24.07 -9.96
C PRO A 298 -3.31 24.20 -10.38
N ASN A 299 -2.62 25.21 -9.86
CA ASN A 299 -1.20 25.36 -10.15
C ASN A 299 -0.37 24.43 -9.25
N LEU A 300 -0.46 23.14 -9.55
CA LEU A 300 0.14 22.06 -8.79
C LEU A 300 0.44 20.95 -9.79
N PRO A 301 1.51 20.17 -9.57
CA PRO A 301 1.72 19.05 -10.49
C PRO A 301 0.66 17.94 -10.32
N SER A 302 0.12 17.48 -11.44
CA SER A 302 -0.81 16.38 -11.48
C SER A 302 -0.18 15.14 -10.82
N HIS A 303 -0.95 14.47 -9.96
CA HIS A 303 -0.49 13.28 -9.24
C HIS A 303 -1.66 12.28 -9.09
N VAL A 304 -1.85 11.47 -10.13
CA VAL A 304 -2.92 10.45 -10.13
C VAL A 304 -2.47 9.28 -9.26
N TRP A 305 -3.39 8.76 -8.43
CA TRP A 305 -3.10 7.60 -7.57
C TRP A 305 -3.34 6.27 -8.32
N MET A 306 -2.68 5.22 -7.84
CA MET A 306 -2.82 3.87 -8.42
C MET A 306 -4.28 3.42 -8.25
N GLU A 307 -4.94 3.08 -9.36
CA GLU A 307 -6.36 2.70 -9.36
C GLU A 307 -6.62 1.50 -8.44
N GLN A 308 -7.66 1.62 -7.61
CA GLN A 308 -8.12 0.50 -6.79
C GLN A 308 -8.76 -0.51 -7.73
N PRO A 309 -8.43 -1.80 -7.57
CA PRO A 309 -9.01 -2.79 -8.46
C PRO A 309 -10.52 -2.97 -8.22
N VAL A 310 -11.20 -3.47 -9.25
CA VAL A 310 -12.64 -3.69 -9.22
C VAL A 310 -13.03 -4.75 -8.19
N ARG A 311 -12.26 -5.83 -8.14
CA ARG A 311 -12.51 -6.94 -7.24
C ARG A 311 -11.71 -6.83 -5.95
N ASP A 312 -12.41 -6.87 -4.82
CA ASP A 312 -11.82 -7.17 -3.52
C ASP A 312 -11.95 -8.68 -3.29
N ASP A 313 -10.82 -9.38 -3.31
CA ASP A 313 -10.78 -10.83 -3.15
C ASP A 313 -10.87 -11.27 -1.68
N PHE A 314 -10.84 -10.33 -0.73
CA PHE A 314 -10.88 -10.69 0.71
C PHE A 314 -9.82 -11.74 1.03
N ASP A 315 -8.60 -11.49 0.56
CA ASP A 315 -7.52 -12.47 0.65
C ASP A 315 -6.29 -11.91 1.37
N GLN A 316 -6.54 -10.98 2.31
CA GLN A 316 -5.53 -10.49 3.26
C GLN A 316 -6.22 -10.25 4.61
N GLU A 317 -5.43 -10.21 5.69
CA GLU A 317 -5.97 -10.01 7.05
C GLU A 317 -6.62 -8.64 7.26
N THR A 318 -6.20 -7.62 6.51
CA THR A 318 -6.67 -6.25 6.69
C THR A 318 -7.80 -5.86 5.72
N LEU A 319 -8.91 -5.41 6.28
CA LEU A 319 -10.10 -5.00 5.52
C LEU A 319 -9.83 -3.66 4.84
N GLY A 320 -10.22 -3.56 3.57
CA GLY A 320 -10.07 -2.34 2.79
C GLY A 320 -10.77 -1.15 3.44
N LEU A 321 -10.12 0.00 3.35
CA LEU A 321 -10.53 1.22 4.05
C LEU A 321 -11.91 1.74 3.65
N ASP A 322 -12.34 1.45 2.41
CA ASP A 322 -13.66 1.83 1.89
C ASP A 322 -14.81 1.09 2.60
N TRP A 323 -14.52 -0.10 3.16
CA TRP A 323 -15.57 -0.90 3.84
C TRP A 323 -16.03 -0.21 5.12
N THR A 324 -17.34 -0.26 5.33
CA THR A 324 -18.01 0.59 6.30
C THR A 324 -19.12 -0.18 7.06
N PHE A 325 -19.22 0.10 8.36
CA PHE A 325 -20.18 -0.55 9.26
C PHE A 325 -21.24 0.44 9.74
N ILE A 326 -22.34 -0.09 10.26
CA ILE A 326 -23.39 0.70 10.90
C ILE A 326 -23.17 0.72 12.42
N ARG A 327 -22.94 1.92 12.99
CA ARG A 327 -22.64 2.11 14.43
C ARG A 327 -21.42 1.30 14.85
N ASN A 328 -21.30 0.88 16.11
CA ASN A 328 -20.10 0.19 16.60
C ASN A 328 -20.13 -1.34 16.38
N PRO A 329 -19.36 -1.86 15.40
CA PRO A 329 -19.43 -3.27 15.09
C PRO A 329 -18.71 -4.16 16.11
N ALA A 330 -19.37 -5.22 16.56
CA ALA A 330 -18.69 -6.27 17.32
C ALA A 330 -17.91 -7.14 16.34
N HIS A 331 -16.59 -7.27 16.54
CA HIS A 331 -15.75 -8.04 15.62
C HIS A 331 -16.18 -9.51 15.57
N SER A 332 -16.94 -9.98 16.57
CA SER A 332 -17.50 -11.32 16.53
C SER A 332 -18.39 -11.65 15.31
N PHE A 333 -18.96 -10.66 14.62
CA PHE A 333 -19.80 -10.99 13.43
C PHE A 333 -19.05 -11.09 12.09
N TRP A 334 -17.79 -10.69 12.03
CA TRP A 334 -17.00 -10.76 10.78
C TRP A 334 -15.56 -11.18 10.98
N SER A 335 -15.06 -11.94 10.01
CA SER A 335 -13.67 -12.38 10.01
C SER A 335 -13.15 -12.49 8.59
N LEU A 336 -11.92 -12.04 8.42
CA LEU A 336 -11.07 -12.36 7.28
C LEU A 336 -10.04 -13.46 7.60
N THR A 337 -10.04 -13.94 8.85
CA THR A 337 -9.10 -14.94 9.39
C THR A 337 -9.63 -16.37 9.30
N GLU A 338 -10.93 -16.51 9.60
CA GLU A 338 -11.55 -17.77 9.96
C GLU A 338 -11.81 -18.66 8.74
N LYS A 339 -12.11 -18.05 7.61
CA LYS A 339 -12.06 -18.74 6.31
C LYS A 339 -11.18 -17.92 5.37
N PRO A 340 -9.84 -18.14 5.43
CA PRO A 340 -8.91 -17.35 4.59
C PRO A 340 -9.35 -17.29 3.14
N GLY A 341 -9.34 -16.09 2.56
CA GLY A 341 -9.77 -15.89 1.18
C GLY A 341 -11.23 -15.52 1.07
N SER A 342 -11.95 -15.51 2.19
CA SER A 342 -13.34 -15.09 2.21
C SER A 342 -13.59 -14.09 3.32
N LEU A 343 -14.52 -13.16 3.11
CA LEU A 343 -15.10 -12.41 4.23
C LEU A 343 -16.27 -13.21 4.78
N ARG A 344 -16.12 -13.68 6.01
CA ARG A 344 -17.18 -14.43 6.71
C ARG A 344 -18.05 -13.47 7.50
N LEU A 345 -19.32 -13.44 7.16
CA LEU A 345 -20.33 -12.61 7.84
C LEU A 345 -21.26 -13.51 8.62
N LYS A 346 -21.33 -13.29 9.93
CA LYS A 346 -22.23 -14.03 10.82
C LYS A 346 -23.44 -13.17 11.16
N GLY A 347 -24.59 -13.51 10.60
CA GLY A 347 -25.80 -12.78 10.88
C GLY A 347 -26.27 -13.05 12.28
N THR A 348 -26.55 -11.99 13.04
CA THR A 348 -27.06 -12.11 14.40
C THR A 348 -28.57 -11.87 14.36
N ALA A 349 -29.19 -11.86 15.54
CA ALA A 349 -30.59 -11.43 15.70
C ALA A 349 -30.83 -10.00 15.23
N ILE A 350 -29.80 -9.15 15.37
CA ILE A 350 -29.89 -7.74 15.01
C ILE A 350 -30.21 -7.60 13.52
N ASN A 351 -31.23 -6.81 13.20
CA ASN A 351 -31.44 -6.28 11.83
C ASN A 351 -31.39 -4.73 11.89
N PHE A 352 -31.96 -4.04 10.89
CA PHE A 352 -31.91 -2.57 10.86
C PHE A 352 -32.89 -1.89 11.84
N THR A 353 -33.90 -2.62 12.28
CA THR A 353 -34.99 -2.10 13.12
C THR A 353 -34.59 -1.61 14.52
N THR A 354 -33.38 -1.96 14.98
CA THR A 354 -32.82 -1.34 16.19
C THR A 354 -31.71 -0.36 15.86
N ASN A 355 -31.32 0.41 16.87
CA ASN A 355 -30.17 1.31 16.78
C ASN A 355 -28.95 0.70 17.49
N ASP A 356 -28.44 -0.41 16.98
CA ASP A 356 -27.06 -0.83 17.26
C ASP A 356 -26.46 -1.32 15.94
N SER A 357 -25.64 -2.37 15.93
CA SER A 357 -24.84 -2.70 14.76
C SER A 357 -25.20 -4.05 14.15
N PRO A 358 -26.02 -4.05 13.08
CA PRO A 358 -26.28 -5.28 12.34
C PRO A 358 -25.04 -5.75 11.55
N SER A 359 -24.99 -7.04 11.24
CA SER A 359 -23.91 -7.60 10.44
C SER A 359 -23.98 -7.11 8.97
N PHE A 360 -23.54 -5.87 8.77
CA PHE A 360 -23.58 -5.19 7.50
C PHE A 360 -22.20 -4.60 7.28
N ILE A 361 -21.68 -4.75 6.06
CA ILE A 361 -20.42 -4.15 5.66
C ILE A 361 -20.61 -3.64 4.24
N GLY A 362 -20.50 -2.33 4.07
CA GLY A 362 -20.82 -1.72 2.79
C GLY A 362 -19.93 -0.58 2.40
N ARG A 363 -20.22 -0.02 1.23
CA ARG A 363 -19.50 1.13 0.77
C ARG A 363 -20.40 2.09 0.02
N ARG A 364 -19.96 3.35 0.01
CA ARG A 364 -20.67 4.44 -0.64
C ARG A 364 -20.90 4.15 -2.12
N GLN A 365 -22.13 4.37 -2.60
CA GLN A 365 -22.38 4.37 -4.04
C GLN A 365 -21.77 5.64 -4.66
N ALA A 366 -20.60 5.47 -5.26
CA ALA A 366 -19.78 6.55 -5.76
C ALA A 366 -20.06 6.91 -7.23
N ALA A 367 -21.04 6.26 -7.86
CA ALA A 367 -21.42 6.57 -9.24
C ALA A 367 -22.90 6.28 -9.50
N PHE A 368 -23.50 7.06 -10.38
CA PHE A 368 -24.85 6.78 -10.82
C PHE A 368 -24.90 5.42 -11.50
N ASN A 369 -23.97 5.21 -12.44
CA ASN A 369 -23.94 4.00 -13.25
C ASN A 369 -22.89 3.05 -12.69
N LEU A 370 -23.35 1.91 -12.15
CA LEU A 370 -22.42 0.93 -11.63
C LEU A 370 -22.92 -0.50 -11.66
N THR A 371 -21.96 -1.40 -11.49
CA THR A 371 -22.21 -2.80 -11.30
C THR A 371 -21.52 -3.20 -10.01
N ALA A 372 -22.26 -3.88 -9.15
CA ALA A 372 -21.74 -4.40 -7.90
C ALA A 372 -22.17 -5.84 -7.84
N SER A 373 -21.25 -6.75 -7.57
CA SER A 373 -21.60 -8.16 -7.42
C SER A 373 -20.69 -8.86 -6.43
N ALA A 374 -21.19 -9.98 -5.91
CA ALA A 374 -20.49 -10.73 -4.88
C ALA A 374 -20.82 -12.21 -5.01
N LYS A 375 -19.79 -13.03 -4.96
CA LYS A 375 -19.95 -14.48 -4.88
C LYS A 375 -20.05 -14.83 -3.40
N VAL A 376 -21.14 -15.52 -3.03
CA VAL A 376 -21.44 -15.83 -1.64
C VAL A 376 -21.84 -17.30 -1.47
N ASN A 377 -21.36 -17.89 -0.38
CA ASN A 377 -21.76 -19.21 0.06
C ASN A 377 -22.63 -19.02 1.29
N PHE A 378 -23.91 -19.38 1.19
CA PHE A 378 -24.82 -19.26 2.35
C PHE A 378 -25.93 -20.29 2.32
N ILE A 379 -25.93 -21.17 3.33
CA ILE A 379 -26.98 -22.17 3.50
C ILE A 379 -27.87 -21.74 4.66
N PRO A 380 -29.09 -21.25 4.36
CA PRO A 380 -30.03 -20.96 5.45
C PRO A 380 -30.75 -22.23 5.88
N LYS A 381 -30.98 -22.38 7.18
CA LYS A 381 -31.65 -23.57 7.71
C LYS A 381 -33.12 -23.33 8.09
N VAL A 382 -33.56 -22.07 8.22
CA VAL A 382 -34.96 -21.74 8.54
C VAL A 382 -35.35 -20.34 7.99
N GLU A 383 -36.65 -20.08 7.85
CA GLU A 383 -37.14 -18.93 7.05
C GLU A 383 -36.63 -17.54 7.48
N ASN A 384 -36.35 -17.35 8.77
CA ASN A 384 -35.83 -16.07 9.30
C ASN A 384 -34.38 -15.71 8.92
N GLU A 385 -33.66 -16.64 8.29
CA GLU A 385 -32.23 -16.52 8.06
C GLU A 385 -31.98 -16.06 6.64
N GLU A 386 -31.11 -15.05 6.52
CA GLU A 386 -30.86 -14.43 5.24
C GLU A 386 -29.48 -13.77 5.19
N ALA A 387 -28.96 -13.68 3.97
CA ALA A 387 -27.70 -13.02 3.72
C ALA A 387 -27.58 -12.70 2.24
N GLY A 388 -26.88 -11.62 1.93
CA GLY A 388 -26.73 -11.19 0.55
C GLY A 388 -26.26 -9.76 0.50
N LEU A 389 -26.80 -9.00 -0.47
CA LEU A 389 -26.46 -7.61 -0.70
C LEU A 389 -27.63 -6.70 -0.40
N VAL A 390 -27.32 -5.49 0.07
CA VAL A 390 -28.34 -4.51 0.41
C VAL A 390 -27.98 -3.14 -0.17
N VAL A 391 -29.00 -2.46 -0.72
CA VAL A 391 -28.95 -1.07 -1.07
C VAL A 391 -29.60 -0.37 0.11
N ARG A 392 -28.80 0.32 0.91
CA ARG A 392 -29.28 0.99 2.10
C ARG A 392 -29.33 2.47 1.86
N ALA A 393 -30.46 3.09 2.20
CA ALA A 393 -30.55 4.54 2.41
C ALA A 393 -30.53 4.85 3.91
N ASP A 394 -31.40 4.19 4.65
CA ASP A 394 -31.40 4.28 6.12
C ASP A 394 -32.08 3.01 6.69
N ASP A 395 -32.37 3.01 7.99
CA ASP A 395 -32.97 1.82 8.66
C ASP A 395 -34.37 1.46 8.17
N LYS A 396 -35.10 2.43 7.62
CA LYS A 396 -36.47 2.25 7.14
C LYS A 396 -36.57 2.15 5.62
N ASN A 397 -35.46 2.36 4.88
CA ASN A 397 -35.51 2.42 3.43
C ASN A 397 -34.28 1.73 2.83
N HIS A 398 -34.50 0.56 2.24
CA HIS A 398 -33.43 -0.28 1.75
C HIS A 398 -33.97 -1.42 0.90
N TYR A 399 -33.20 -1.81 -0.12
CA TYR A 399 -33.56 -2.93 -1.00
C TYR A 399 -32.63 -4.09 -0.69
N ASP A 400 -33.21 -5.27 -0.42
CA ASP A 400 -32.45 -6.42 0.06
C ASP A 400 -32.42 -7.54 -0.96
N LEU A 401 -31.24 -7.82 -1.51
CA LEU A 401 -31.07 -8.95 -2.43
C LEU A 401 -30.44 -10.11 -1.63
N LEU A 402 -31.30 -10.97 -1.09
CA LEU A 402 -30.89 -11.98 -0.10
C LEU A 402 -31.17 -13.42 -0.50
N ILE A 403 -30.34 -14.32 0.03
CA ILE A 403 -30.54 -15.75 0.00
C ILE A 403 -31.19 -16.12 1.30
N THR A 404 -32.29 -16.87 1.22
CA THR A 404 -33.06 -17.33 2.40
C THR A 404 -33.75 -18.68 2.07
N GLU A 405 -34.61 -19.14 2.97
CA GLU A 405 -35.35 -20.39 2.79
C GLU A 405 -36.85 -20.07 2.82
N ARG A 406 -37.57 -20.53 1.81
CA ARG A 406 -39.00 -20.32 1.71
C ARG A 406 -39.65 -21.64 1.36
N ASN A 407 -40.54 -22.10 2.23
CA ASN A 407 -41.27 -23.35 2.02
C ASN A 407 -40.37 -24.53 1.66
N GLY A 408 -39.33 -24.72 2.46
CA GLY A 408 -38.36 -25.80 2.26
C GLY A 408 -37.52 -25.72 0.99
N GLN A 409 -37.51 -24.56 0.33
CA GLN A 409 -36.67 -24.32 -0.83
C GLN A 409 -35.75 -23.15 -0.51
N ARG A 410 -34.49 -23.29 -0.92
CA ARG A 410 -33.54 -22.21 -0.81
C ARG A 410 -33.81 -21.31 -1.98
N VAL A 411 -33.87 -20.00 -1.73
CA VAL A 411 -34.29 -19.03 -2.75
C VAL A 411 -33.43 -17.77 -2.74
N ALA A 412 -33.44 -17.07 -3.88
CA ALA A 412 -32.93 -15.71 -3.97
C ALA A 412 -34.13 -14.79 -3.90
N MET A 413 -34.02 -13.72 -3.11
CA MET A 413 -35.12 -12.82 -2.81
C MET A 413 -34.68 -11.38 -3.00
N ILE A 414 -35.44 -10.60 -3.78
CA ILE A 414 -35.39 -9.13 -3.75
C ILE A 414 -36.55 -8.69 -2.90
N ARG A 415 -36.27 -7.91 -1.85
CA ARG A 415 -37.31 -7.47 -0.93
C ARG A 415 -37.15 -5.98 -0.69
N LYS A 416 -38.20 -5.23 -0.99
CA LYS A 416 -38.17 -3.79 -0.99
C LYS A 416 -38.87 -3.28 0.28
N THR A 417 -38.11 -2.61 1.14
CA THR A 417 -38.62 -2.00 2.37
C THR A 417 -38.61 -0.48 2.22
N LEU A 418 -39.76 0.15 2.44
CA LEU A 418 -39.92 1.61 2.33
C LEU A 418 -40.87 2.10 3.40
N LYS A 419 -40.54 3.23 4.01
CA LYS A 419 -41.30 3.75 5.15
C LYS A 419 -41.49 2.68 6.23
N ASP A 420 -40.45 1.87 6.42
CA ASP A 420 -40.40 0.79 7.42
C ASP A 420 -41.44 -0.34 7.20
N LYS A 421 -41.95 -0.48 5.97
CA LYS A 421 -42.88 -1.54 5.60
C LYS A 421 -42.34 -2.25 4.37
N VAL A 422 -42.48 -3.56 4.33
CA VAL A 422 -42.14 -4.34 3.15
C VAL A 422 -43.22 -4.14 2.07
N VAL A 423 -42.84 -3.66 0.89
CA VAL A 423 -43.80 -3.32 -0.20
C VAL A 423 -43.79 -4.26 -1.41
N ASP A 424 -42.70 -4.99 -1.63
CA ASP A 424 -42.61 -5.95 -2.73
C ASP A 424 -41.60 -7.05 -2.37
N THR A 425 -41.92 -8.28 -2.77
CA THR A 425 -41.08 -9.45 -2.49
C THR A 425 -41.19 -10.42 -3.66
N THR A 426 -40.06 -10.75 -4.30
CA THR A 426 -40.03 -11.64 -5.46
C THR A 426 -38.95 -12.70 -5.26
N CYS A 427 -39.34 -13.99 -5.38
CA CYS A 427 -38.44 -15.13 -5.19
C CYS A 427 -38.18 -15.93 -6.47
N LYS A 428 -36.98 -16.50 -6.58
CA LYS A 428 -36.62 -17.50 -7.60
C LYS A 428 -35.89 -18.61 -6.88
N GLU A 429 -36.15 -19.85 -7.28
CA GLU A 429 -35.57 -21.01 -6.59
C GLU A 429 -34.10 -21.21 -6.98
N LEU A 430 -33.26 -21.42 -5.98
CA LEU A 430 -31.85 -21.76 -6.18
C LEU A 430 -31.66 -23.28 -6.02
N PRO A 431 -30.51 -23.81 -6.48
CA PRO A 431 -30.17 -25.17 -6.05
C PRO A 431 -29.98 -25.21 -4.54
N ALA A 432 -30.16 -26.38 -3.94
CA ALA A 432 -30.10 -26.52 -2.48
C ALA A 432 -28.77 -26.08 -1.87
N THR A 433 -27.66 -26.32 -2.58
CA THR A 433 -26.31 -25.89 -2.17
C THR A 433 -25.51 -25.24 -3.32
N GLY A 434 -24.32 -24.73 -2.99
CA GLY A 434 -23.40 -24.20 -4.00
C GLY A 434 -23.38 -22.68 -4.03
N GLU A 435 -22.35 -22.16 -4.68
CA GLU A 435 -22.04 -20.74 -4.67
C GLU A 435 -23.07 -19.95 -5.49
N VAL A 436 -23.36 -18.73 -5.05
CA VAL A 436 -24.32 -17.86 -5.74
C VAL A 436 -23.68 -16.51 -5.96
N ILE A 437 -23.80 -16.00 -7.18
CA ILE A 437 -23.34 -14.67 -7.50
C ILE A 437 -24.56 -13.79 -7.45
N LEU A 438 -24.56 -12.84 -6.52
CA LEU A 438 -25.60 -11.85 -6.39
C LEU A 438 -25.09 -10.59 -7.01
N SER A 439 -25.95 -9.90 -7.74
CA SER A 439 -25.53 -8.80 -8.59
C SER A 439 -26.55 -7.64 -8.53
N ILE A 440 -26.04 -6.42 -8.41
CA ILE A 440 -26.86 -5.21 -8.45
C ILE A 440 -26.22 -4.28 -9.45
N THR A 441 -27.01 -3.86 -10.44
CA THR A 441 -26.57 -2.92 -11.45
C THR A 441 -27.41 -1.66 -11.30
N ALA A 442 -26.83 -0.53 -11.66
CA ALA A 442 -27.45 0.76 -11.39
C ALA A 442 -27.37 1.71 -12.57
N THR A 443 -28.45 2.44 -12.77
CA THR A 443 -28.47 3.65 -13.60
C THR A 443 -28.95 4.78 -12.70
N GLU A 444 -28.99 6.00 -13.24
CA GLU A 444 -29.50 7.18 -12.51
C GLU A 444 -30.88 6.96 -11.89
N THR A 445 -31.74 6.25 -12.61
CA THR A 445 -33.14 6.03 -12.20
C THR A 445 -33.40 4.66 -11.55
N THR A 446 -32.69 3.62 -11.98
CA THR A 446 -33.09 2.24 -11.65
C THR A 446 -31.95 1.36 -11.16
N TYR A 447 -32.25 0.58 -10.12
CA TYR A 447 -31.42 -0.52 -9.69
C TYR A 447 -32.06 -1.76 -10.28
N THR A 448 -31.24 -2.63 -10.85
CA THR A 448 -31.68 -3.94 -11.33
C THR A 448 -30.92 -5.03 -10.57
N PHE A 449 -31.65 -6.05 -10.13
CA PHE A 449 -31.14 -7.10 -9.23
C PHE A 449 -31.11 -8.45 -9.97
N GLU A 450 -29.95 -9.12 -9.96
CA GLU A 450 -29.70 -10.33 -10.75
C GLU A 450 -29.00 -11.40 -9.93
N ILE A 451 -29.21 -12.68 -10.30
CA ILE A 451 -28.62 -13.83 -9.63
C ILE A 451 -28.06 -14.83 -10.63
N LYS A 452 -27.02 -15.55 -10.21
CA LYS A 452 -26.44 -16.65 -10.98
C LYS A 452 -25.97 -17.81 -10.07
N ALA A 453 -26.39 -19.02 -10.42
CA ALA A 453 -25.88 -20.25 -9.83
C ALA A 453 -25.98 -21.35 -10.87
N ALA A 454 -25.56 -22.56 -10.48
CA ALA A 454 -25.80 -23.75 -11.29
C ALA A 454 -27.32 -23.91 -11.53
N HIS A 455 -27.72 -24.04 -12.79
CA HIS A 455 -29.13 -24.25 -13.19
C HIS A 455 -30.08 -23.07 -12.86
N VAL A 456 -29.53 -21.86 -12.72
CA VAL A 456 -30.31 -20.70 -12.29
C VAL A 456 -29.58 -19.41 -12.66
N SER A 457 -30.15 -18.64 -13.58
CA SER A 457 -29.67 -17.30 -13.90
C SER A 457 -30.84 -16.45 -14.35
N ALA A 458 -30.99 -15.26 -13.77
CA ALA A 458 -32.20 -14.44 -13.96
C ALA A 458 -32.09 -13.02 -13.41
N ILE A 459 -32.63 -12.05 -14.15
CA ILE A 459 -32.99 -10.74 -13.59
C ILE A 459 -34.18 -10.99 -12.66
N LEU A 460 -34.03 -10.65 -11.39
CA LEU A 460 -35.02 -10.96 -10.36
C LEU A 460 -36.04 -9.84 -10.13
N GLY A 461 -35.65 -8.60 -10.46
CA GLY A 461 -36.49 -7.42 -10.20
C GLY A 461 -35.73 -6.11 -10.31
N THR A 462 -36.49 -5.01 -10.27
CA THR A 462 -35.94 -3.64 -10.36
C THR A 462 -36.52 -2.79 -9.24
N ALA A 463 -35.86 -1.67 -8.98
CA ALA A 463 -36.37 -0.67 -8.04
C ALA A 463 -35.86 0.72 -8.41
N SER A 464 -36.60 1.74 -7.97
CA SER A 464 -36.25 3.14 -8.29
C SER A 464 -35.17 3.70 -7.34
N THR A 465 -34.26 4.47 -7.90
CA THR A 465 -33.33 5.28 -7.12
C THR A 465 -34.06 6.41 -6.40
N ARG A 466 -35.15 6.89 -7.03
CA ARG A 466 -36.03 7.92 -6.46
C ARG A 466 -36.59 7.57 -5.07
N ASP A 467 -37.02 6.32 -4.88
CA ASP A 467 -37.61 5.92 -3.60
C ASP A 467 -36.60 5.83 -2.44
N VAL A 468 -35.30 5.88 -2.76
CA VAL A 468 -34.25 5.93 -1.74
C VAL A 468 -33.56 7.30 -1.69
N SER A 469 -34.17 8.32 -2.28
CA SER A 469 -33.53 9.61 -2.45
C SER A 469 -33.67 10.43 -1.18
N ASN A 470 -32.76 11.39 -1.00
CA ASN A 470 -32.84 12.33 0.13
C ASN A 470 -34.20 13.03 0.21
N GLU A 471 -34.76 13.41 -0.94
CA GLU A 471 -35.99 14.18 -1.00
C GLU A 471 -37.21 13.38 -0.53
N VAL A 472 -37.14 12.05 -0.61
CA VAL A 472 -38.18 11.16 -0.10
C VAL A 472 -37.89 10.69 1.33
N VAL A 473 -36.65 10.33 1.64
CA VAL A 473 -36.33 9.69 2.93
C VAL A 473 -35.89 10.66 4.04
N GLY A 474 -35.43 11.85 3.66
CA GLY A 474 -34.88 12.82 4.61
C GLY A 474 -33.51 12.40 5.14
N GLY A 475 -33.01 13.15 6.11
CA GLY A 475 -31.70 12.88 6.71
C GLY A 475 -30.54 13.45 5.90
N PHE A 476 -29.32 13.03 6.24
CA PHE A 476 -28.09 13.67 5.80
C PHE A 476 -27.11 12.72 5.11
N THR A 477 -27.60 11.54 4.72
CA THR A 477 -26.76 10.51 4.13
C THR A 477 -27.18 10.21 2.69
N GLY A 478 -26.42 9.31 2.07
CA GLY A 478 -26.69 8.78 0.74
C GLY A 478 -26.46 7.27 0.72
N VAL A 479 -26.75 6.66 -0.42
CA VAL A 479 -26.82 5.21 -0.51
C VAL A 479 -25.49 4.49 -0.24
N PHE A 480 -25.54 3.43 0.54
CA PHE A 480 -24.43 2.47 0.63
C PHE A 480 -24.91 1.15 0.06
N ILE A 481 -24.01 0.46 -0.63
CA ILE A 481 -24.27 -0.89 -1.11
C ILE A 481 -23.35 -1.78 -0.31
N GLY A 482 -23.90 -2.85 0.28
CA GLY A 482 -23.13 -3.68 1.19
C GLY A 482 -23.58 -5.12 1.36
N MET A 483 -22.64 -5.92 1.87
CA MET A 483 -22.88 -7.31 2.26
C MET A 483 -23.64 -7.31 3.57
N TYR A 484 -24.50 -8.29 3.75
CA TYR A 484 -25.45 -8.30 4.87
C TYR A 484 -25.82 -9.73 5.27
N ALA A 485 -25.95 -9.95 6.58
CA ALA A 485 -26.51 -11.17 7.14
C ALA A 485 -27.36 -10.85 8.39
N SER A 486 -28.51 -11.50 8.52
CA SER A 486 -29.34 -11.36 9.72
C SER A 486 -30.26 -12.57 9.89
N GLY A 487 -30.43 -13.01 11.14
CA GLY A 487 -31.42 -14.02 11.46
C GLY A 487 -32.71 -13.48 12.05
N ASN A 488 -32.86 -12.16 12.11
CA ASN A 488 -34.14 -11.52 12.44
C ASN A 488 -34.82 -12.06 13.73
N GLY A 489 -34.19 -11.79 14.87
CA GLY A 489 -34.61 -12.31 16.17
C GLY A 489 -33.72 -13.45 16.68
N GLN A 490 -33.16 -14.23 15.75
CA GLN A 490 -32.19 -15.30 16.05
C GLN A 490 -30.89 -15.03 15.35
N ALA A 491 -29.80 -15.64 15.81
CA ALA A 491 -28.56 -15.71 15.03
C ALA A 491 -28.76 -16.64 13.84
N ASN A 492 -28.02 -16.39 12.75
CA ASN A 492 -27.94 -17.34 11.64
C ASN A 492 -27.19 -18.58 12.12
N THR A 493 -27.68 -19.76 11.73
CA THR A 493 -27.05 -21.02 12.09
C THR A 493 -25.66 -21.10 11.46
N ASN A 494 -25.59 -20.77 10.17
CA ASN A 494 -24.36 -20.83 9.40
C ASN A 494 -23.83 -19.44 9.03
N PRO A 495 -22.52 -19.33 8.83
CA PRO A 495 -21.97 -18.09 8.30
C PRO A 495 -22.28 -17.90 6.81
N ALA A 496 -22.26 -16.64 6.36
CA ALA A 496 -22.30 -16.32 4.95
C ALA A 496 -20.89 -15.91 4.52
N ASP A 497 -20.30 -16.67 3.59
CA ASP A 497 -18.92 -16.46 3.17
C ASP A 497 -18.90 -15.79 1.80
N PHE A 498 -18.33 -14.60 1.75
CA PHE A 498 -18.20 -13.83 0.52
C PHE A 498 -16.78 -14.00 0.00
N ASP A 499 -16.65 -14.73 -1.10
CA ASP A 499 -15.35 -15.00 -1.70
C ASP A 499 -14.77 -13.72 -2.32
N TRP A 500 -15.61 -12.95 -2.99
CA TRP A 500 -15.18 -11.68 -3.54
C TRP A 500 -16.33 -10.72 -3.69
N PHE A 501 -16.00 -9.46 -3.99
CA PHE A 501 -16.96 -8.37 -4.17
C PHE A 501 -16.38 -7.42 -5.24
N ASP A 502 -17.08 -7.32 -6.37
CA ASP A 502 -16.76 -6.43 -7.47
C ASP A 502 -17.53 -5.13 -7.33
N PHE A 503 -16.86 -4.02 -7.57
CA PHE A 503 -17.49 -2.71 -7.55
C PHE A 503 -16.95 -1.91 -8.73
N ARG A 504 -17.78 -1.68 -9.75
CA ARG A 504 -17.33 -1.00 -10.95
C ARG A 504 -18.15 0.26 -11.21
N CYS A 505 -17.50 1.42 -11.07
CA CYS A 505 -18.10 2.71 -11.41
C CYS A 505 -17.94 3.02 -12.91
N LEU A 506 -19.02 3.49 -13.51
CA LEU A 506 -19.08 3.68 -14.96
C LEU A 506 -19.56 5.06 -15.39
N ASP A 507 -19.37 6.09 -14.56
CA ASP A 507 -19.90 7.42 -14.89
C ASP A 507 -19.13 8.12 -16.03
N LEU A 508 -17.85 7.78 -16.23
CA LEU A 508 -17.09 8.34 -17.37
C LEU A 508 -17.85 8.06 -18.69
N GLU A 509 -18.24 6.80 -18.89
CA GLU A 509 -19.03 6.36 -20.06
C GLU A 509 -20.54 6.48 -19.82
N LYS B 3 -3.21 -21.15 -19.69
CA LYS B 3 -2.22 -20.16 -19.17
C LYS B 3 -0.83 -20.79 -19.02
N THR B 4 0.18 -19.95 -19.20
CA THR B 4 1.57 -20.28 -18.98
C THR B 4 2.24 -19.17 -18.16
N PHE B 5 3.50 -19.41 -17.77
CA PHE B 5 4.34 -18.35 -17.26
C PHE B 5 5.76 -18.47 -17.82
N ARG B 6 6.47 -17.33 -17.83
CA ARG B 6 7.84 -17.23 -18.32
C ARG B 6 8.81 -17.14 -17.14
N ASN B 7 9.82 -18.02 -17.11
CA ASN B 7 10.94 -17.87 -16.17
C ASN B 7 11.91 -16.80 -16.71
N PRO B 8 12.66 -16.13 -15.83
CA PRO B 8 12.64 -16.35 -14.38
C PRO B 8 11.48 -15.62 -13.70
N ILE B 9 11.11 -16.11 -12.52
CA ILE B 9 10.00 -15.52 -11.78
C ILE B 9 10.41 -14.29 -10.97
N ILE B 10 11.66 -14.20 -10.55
CA ILE B 10 12.14 -12.98 -9.90
C ILE B 10 13.53 -12.65 -10.45
N THR B 11 13.61 -11.52 -11.13
CA THR B 11 14.78 -11.13 -11.89
C THR B 11 15.67 -10.24 -11.06
N GLY B 12 16.85 -9.94 -11.58
CA GLY B 12 17.85 -9.20 -10.81
C GLY B 12 18.47 -10.07 -9.73
N MET B 13 19.38 -9.50 -8.95
CA MET B 13 20.15 -10.30 -7.99
C MET B 13 19.20 -10.82 -6.92
N ASN B 14 18.88 -12.09 -7.06
CA ASN B 14 17.96 -12.79 -6.16
C ASN B 14 18.37 -14.26 -6.06
N PRO B 15 19.54 -14.50 -5.44
CA PRO B 15 20.06 -15.87 -5.38
C PRO B 15 19.53 -16.63 -4.18
N ASP B 16 19.83 -17.93 -4.13
CA ASP B 16 19.59 -18.79 -2.97
C ASP B 16 18.13 -18.76 -2.47
N PRO B 17 17.16 -18.90 -3.39
CA PRO B 17 15.76 -18.84 -3.00
C PRO B 17 15.34 -19.94 -2.04
N SER B 18 14.63 -19.56 -0.99
CA SER B 18 14.01 -20.51 -0.07
C SER B 18 12.56 -20.11 0.11
N ILE B 19 11.66 -21.09 0.12
CA ILE B 19 10.21 -20.84 0.06
C ILE B 19 9.44 -21.59 1.15
N CYS B 20 8.31 -21.02 1.58
CA CYS B 20 7.33 -21.73 2.39
C CYS B 20 5.93 -21.29 2.01
N ARG B 21 4.99 -22.22 2.10
CA ARG B 21 3.57 -21.96 1.90
C ARG B 21 2.88 -22.01 3.26
N VAL B 22 2.02 -21.01 3.48
CA VAL B 22 1.20 -20.89 4.69
C VAL B 22 -0.24 -20.65 4.25
N GLY B 23 -1.04 -21.71 4.23
CA GLY B 23 -2.38 -21.63 3.68
C GLY B 23 -2.23 -21.31 2.21
N ASP B 24 -2.95 -20.30 1.75
CA ASP B 24 -2.88 -19.85 0.35
C ASP B 24 -1.72 -18.86 0.05
N ASP B 25 -0.92 -18.51 1.06
CA ASP B 25 0.16 -17.53 0.89
C ASP B 25 1.55 -18.19 0.79
N PHE B 26 2.35 -17.73 -0.18
CA PHE B 26 3.71 -18.23 -0.42
C PHE B 26 4.66 -17.12 -0.12
N TYR B 27 5.76 -17.46 0.54
CA TYR B 27 6.77 -16.48 0.94
C TYR B 27 8.13 -17.00 0.58
N LEU B 28 9.03 -16.07 0.26
CA LEU B 28 10.35 -16.42 -0.31
C LEU B 28 11.41 -15.40 0.05
N VAL B 29 12.63 -15.89 0.27
CA VAL B 29 13.79 -15.07 0.60
C VAL B 29 14.95 -15.44 -0.27
N THR B 30 15.82 -14.45 -0.49
CA THR B 30 17.01 -14.59 -1.29
C THR B 30 18.16 -13.91 -0.53
N SER B 31 19.40 -14.33 -0.83
CA SER B 31 20.58 -13.82 -0.14
C SER B 31 20.98 -12.41 -0.62
N THR B 32 21.67 -11.67 0.24
CA THR B 32 22.03 -10.27 -0.07
C THR B 32 23.48 -9.85 0.13
N PHE B 33 24.30 -10.67 0.79
CA PHE B 33 25.72 -10.36 0.94
C PHE B 33 25.92 -8.99 1.61
N GLU B 34 26.65 -8.04 1.01
CA GLU B 34 26.90 -6.73 1.67
C GLU B 34 25.72 -5.77 1.72
N TYR B 35 24.60 -6.12 1.09
CA TYR B 35 23.49 -5.17 0.91
C TYR B 35 22.54 -5.10 2.11
N PHE B 36 22.08 -3.89 2.41
CA PHE B 36 21.19 -3.63 3.55
C PHE B 36 19.97 -2.88 3.06
N PRO B 37 18.76 -3.25 3.47
CA PRO B 37 18.48 -4.36 4.39
C PRO B 37 18.65 -5.74 3.74
N GLY B 38 18.93 -6.75 4.56
CA GLY B 38 19.24 -8.09 4.09
C GLY B 38 18.02 -8.99 4.03
N LEU B 39 18.11 -10.01 3.16
CA LEU B 39 17.12 -11.07 3.05
C LEU B 39 15.71 -10.57 2.75
N PRO B 40 15.50 -10.03 1.53
CA PRO B 40 14.18 -9.55 1.19
C PRO B 40 13.13 -10.65 1.24
N VAL B 41 11.91 -10.28 1.64
CA VAL B 41 10.79 -11.22 1.76
C VAL B 41 9.77 -10.89 0.67
N TYR B 42 9.56 -11.82 -0.26
CA TYR B 42 8.60 -11.69 -1.34
C TYR B 42 7.33 -12.51 -1.07
N HIS B 43 6.17 -11.96 -1.49
CA HIS B 43 4.86 -12.59 -1.27
C HIS B 43 4.16 -12.89 -2.60
N SER B 44 3.58 -14.08 -2.70
CA SER B 44 2.81 -14.46 -3.88
C SER B 44 1.64 -15.33 -3.45
N LYS B 45 0.61 -15.37 -4.30
CA LYS B 45 -0.48 -16.32 -4.17
C LYS B 45 -0.52 -17.38 -5.27
N ASP B 46 0.31 -17.23 -6.31
CA ASP B 46 0.33 -18.17 -7.44
C ASP B 46 1.70 -18.77 -7.81
N LEU B 47 2.74 -18.45 -7.04
CA LEU B 47 4.16 -18.83 -7.33
C LEU B 47 4.86 -18.06 -8.45
N VAL B 48 4.08 -17.34 -9.27
CA VAL B 48 4.59 -16.66 -10.46
C VAL B 48 4.81 -15.16 -10.21
N HIS B 49 3.78 -14.50 -9.70
CA HIS B 49 3.81 -13.06 -9.49
C HIS B 49 4.16 -12.75 -8.04
N TRP B 50 5.30 -12.07 -7.85
CA TRP B 50 5.83 -11.77 -6.53
C TRP B 50 5.83 -10.26 -6.22
N LYS B 51 5.57 -9.93 -4.96
CA LYS B 51 5.63 -8.56 -4.45
C LYS B 51 6.55 -8.52 -3.24
N LEU B 52 7.41 -7.50 -3.20
CA LEU B 52 8.31 -7.30 -2.08
C LEU B 52 7.52 -6.70 -0.92
N ILE B 53 7.50 -7.38 0.24
CA ILE B 53 6.72 -6.91 1.41
C ILE B 53 7.52 -6.45 2.64
N GLY B 54 8.80 -6.79 2.68
CA GLY B 54 9.64 -6.53 3.86
C GLY B 54 11.02 -7.13 3.66
N HIS B 55 11.82 -7.11 4.72
CA HIS B 55 13.15 -7.70 4.74
C HIS B 55 13.34 -8.37 6.10
N ALA B 56 13.84 -9.61 6.11
CA ALA B 56 14.05 -10.32 7.38
C ALA B 56 15.01 -9.58 8.32
N LEU B 57 16.01 -8.90 7.76
CA LEU B 57 17.03 -8.23 8.54
C LEU B 57 17.06 -6.71 8.26
N SER B 58 16.09 -5.98 8.83
CA SER B 58 15.91 -4.54 8.55
C SER B 58 16.54 -3.58 9.56
N ARG B 59 17.35 -4.07 10.50
CA ARG B 59 18.00 -3.23 11.51
C ARG B 59 19.47 -3.58 11.59
N PRO B 60 20.35 -2.63 12.00
CA PRO B 60 21.78 -2.94 12.12
C PRO B 60 22.11 -4.09 13.08
N GLU B 61 21.34 -4.23 14.15
CA GLU B 61 21.56 -5.29 15.14
C GLU B 61 21.27 -6.71 14.62
N ASN B 62 20.41 -6.87 13.61
CA ASN B 62 20.18 -8.19 12.96
C ASN B 62 20.85 -8.40 11.59
N ASN B 63 21.52 -7.36 11.05
CA ASN B 63 22.43 -7.53 9.92
C ASN B 63 23.73 -6.71 10.13
N PRO B 64 24.62 -7.21 11.02
CA PRO B 64 25.92 -6.56 11.21
C PRO B 64 26.88 -6.80 10.02
N LEU B 65 27.23 -5.74 9.29
CA LEU B 65 27.96 -5.85 8.02
C LEU B 65 29.28 -5.08 7.91
N MET B 66 29.58 -4.20 8.86
CA MET B 66 30.76 -3.33 8.71
C MET B 66 32.03 -4.16 8.62
N GLY B 67 32.94 -3.75 7.73
CA GLY B 67 34.15 -4.50 7.45
C GLY B 67 34.01 -5.65 6.44
N CYS B 68 32.79 -6.12 6.15
CA CYS B 68 32.61 -7.29 5.27
C CYS B 68 33.04 -6.97 3.85
N ASN B 69 33.61 -7.95 3.16
CA ASN B 69 34.00 -7.79 1.77
C ASN B 69 32.77 -7.73 0.86
N ALA B 70 32.80 -6.79 -0.07
CA ALA B 70 31.75 -6.71 -1.08
C ALA B 70 31.74 -8.01 -1.87
N SER B 71 30.54 -8.54 -2.14
CA SER B 71 30.35 -9.66 -3.06
C SER B 71 30.60 -11.04 -2.42
N THR B 72 31.57 -11.14 -1.50
CA THR B 72 31.91 -12.40 -0.83
C THR B 72 31.73 -12.36 0.70
N GLY B 73 31.29 -11.23 1.27
CA GLY B 73 30.97 -11.12 2.68
C GLY B 73 29.48 -10.85 2.88
N GLY B 74 29.06 -10.84 4.14
CA GLY B 74 27.69 -10.54 4.50
C GLY B 74 26.78 -11.78 4.52
N GLN B 75 25.54 -11.59 4.09
CA GLN B 75 24.50 -12.63 4.15
C GLN B 75 24.58 -13.63 3.00
N TYR B 76 24.81 -14.90 3.34
CA TYR B 76 24.80 -16.02 2.37
C TYR B 76 23.37 -16.61 2.32
N ALA B 77 23.21 -17.78 1.69
CA ALA B 77 21.91 -18.46 1.55
C ALA B 77 21.07 -18.53 2.82
N PRO B 78 19.81 -18.02 2.79
CA PRO B 78 18.87 -18.18 3.87
C PRO B 78 17.88 -19.34 3.65
N THR B 79 17.29 -19.84 4.73
CA THR B 79 16.17 -20.76 4.64
C THR B 79 15.00 -20.18 5.44
N LEU B 80 13.82 -20.23 4.84
CA LEU B 80 12.60 -19.67 5.43
C LEU B 80 11.62 -20.79 5.71
N ARG B 81 11.09 -20.82 6.93
CA ARG B 81 10.07 -21.80 7.31
C ARG B 81 9.03 -21.16 8.25
N TYR B 82 7.95 -21.90 8.50
CA TYR B 82 6.84 -21.44 9.31
C TYR B 82 6.34 -22.59 10.18
N HIS B 83 6.18 -22.34 11.48
CA HIS B 83 5.62 -23.30 12.44
C HIS B 83 4.84 -22.60 13.55
N ASP B 84 3.63 -23.11 13.84
CA ASP B 84 2.83 -22.68 14.99
C ASP B 84 2.74 -21.14 15.15
N GLY B 85 2.37 -20.47 14.06
CA GLY B 85 2.19 -19.02 14.04
C GLY B 85 3.46 -18.18 13.86
N THR B 86 4.63 -18.83 13.77
CA THR B 86 5.92 -18.13 13.78
C THR B 86 6.72 -18.48 12.52
N PHE B 87 7.17 -17.44 11.81
CA PHE B 87 8.09 -17.59 10.68
C PHE B 87 9.50 -17.61 11.21
N TYR B 88 10.36 -18.42 10.60
CA TYR B 88 11.77 -18.51 10.96
C TYR B 88 12.58 -18.31 9.69
N VAL B 89 13.64 -17.50 9.80
CA VAL B 89 14.64 -17.37 8.75
C VAL B 89 15.98 -17.61 9.39
N ILE B 90 16.71 -18.60 8.87
CA ILE B 90 18.05 -18.95 9.32
C ILE B 90 19.01 -18.67 8.19
N GLY B 91 20.19 -18.14 8.52
CA GLY B 91 21.23 -17.87 7.53
C GLY B 91 22.60 -17.78 8.14
N THR B 92 23.54 -17.19 7.39
CA THR B 92 24.92 -17.04 7.83
C THR B 92 25.49 -15.67 7.41
N ASN B 93 26.16 -15.01 8.37
CA ASN B 93 26.79 -13.70 8.16
C ASN B 93 28.30 -13.91 8.23
N TYR B 94 29.01 -13.73 7.12
CA TYR B 94 30.48 -13.82 7.10
C TYR B 94 31.13 -12.44 7.03
N GLY B 95 32.07 -12.18 7.93
CA GLY B 95 32.99 -11.05 7.77
C GLY B 95 32.53 -9.67 8.21
N GLY B 96 31.29 -9.56 8.72
CA GLY B 96 30.79 -8.32 9.32
C GLY B 96 31.10 -8.22 10.81
N LYS B 97 31.42 -7.01 11.26
CA LYS B 97 31.76 -6.75 12.68
C LYS B 97 30.57 -7.01 13.60
N GLY B 98 30.77 -7.94 14.55
CA GLY B 98 29.72 -8.36 15.49
C GLY B 98 29.07 -9.70 15.13
N SER B 99 29.44 -10.28 13.98
CA SER B 99 28.84 -11.53 13.53
C SER B 99 29.44 -12.74 14.22
N GLN B 100 28.55 -13.62 14.67
CA GLN B 100 28.91 -14.95 15.17
C GLN B 100 28.59 -16.06 14.15
N GLY B 101 28.25 -15.69 12.91
CA GLY B 101 28.06 -16.66 11.83
C GLY B 101 26.60 -17.02 11.60
N VAL B 102 26.24 -18.26 11.91
CA VAL B 102 24.88 -18.75 11.69
C VAL B 102 23.94 -18.21 12.77
N PHE B 103 22.77 -17.76 12.32
CA PHE B 103 21.78 -17.13 13.18
C PHE B 103 20.38 -17.42 12.65
N TYR B 104 19.35 -17.20 13.47
CA TYR B 104 18.02 -17.04 12.94
C TYR B 104 17.25 -15.91 13.62
N VAL B 105 16.19 -15.46 12.94
CA VAL B 105 15.28 -14.44 13.44
C VAL B 105 13.84 -14.90 13.21
N THR B 106 12.93 -14.42 14.04
CA THR B 106 11.53 -14.85 13.98
C THR B 106 10.59 -13.68 13.76
N ALA B 107 9.43 -13.97 13.18
CA ALA B 107 8.35 -13.01 13.05
C ALA B 107 6.97 -13.66 13.07
N LYS B 108 5.97 -12.87 13.44
CA LYS B 108 4.57 -13.26 13.39
C LYS B 108 3.94 -12.78 12.08
N ASN B 109 4.40 -11.60 11.62
CA ASN B 109 4.02 -11.02 10.32
C ASN B 109 5.27 -11.06 9.43
N PRO B 110 5.20 -11.71 8.26
CA PRO B 110 6.43 -11.85 7.44
C PRO B 110 6.96 -10.54 6.84
N ALA B 111 6.13 -9.51 6.81
CA ALA B 111 6.55 -8.16 6.48
C ALA B 111 7.34 -7.48 7.61
N GLY B 112 7.23 -8.02 8.82
CA GLY B 112 7.99 -7.54 9.98
C GLY B 112 7.07 -7.04 11.09
N PRO B 113 7.61 -6.71 12.25
CA PRO B 113 9.05 -6.68 12.52
C PRO B 113 9.61 -8.05 12.83
N TRP B 114 10.87 -8.29 12.46
CA TRP B 114 11.60 -9.49 12.82
C TRP B 114 12.43 -9.21 14.06
N SER B 115 12.72 -10.27 14.81
CA SER B 115 13.49 -10.16 16.04
C SER B 115 14.98 -9.98 15.79
N ASP B 116 15.71 -9.74 16.88
CA ASP B 116 17.17 -9.79 16.90
C ASP B 116 17.64 -11.23 16.68
N PRO B 117 18.93 -11.42 16.34
CA PRO B 117 19.38 -12.77 16.01
C PRO B 117 19.54 -13.70 17.21
N VAL B 118 19.25 -14.98 16.98
CA VAL B 118 19.65 -16.05 17.88
C VAL B 118 20.84 -16.71 17.21
N TRP B 119 22.03 -16.47 17.75
CA TRP B 119 23.27 -17.04 17.21
C TRP B 119 23.39 -18.49 17.71
N VAL B 120 23.59 -19.41 16.78
CA VAL B 120 23.62 -20.84 17.07
C VAL B 120 24.99 -21.30 17.60
N GLY B 121 26.05 -20.64 17.15
CA GLY B 121 27.41 -20.92 17.59
C GLY B 121 28.27 -21.68 16.59
N ASN B 122 28.04 -21.48 15.28
CA ASN B 122 28.91 -22.08 14.25
C ASN B 122 28.91 -21.25 12.96
N TRP B 123 29.84 -21.60 12.07
CA TRP B 123 30.12 -20.84 10.85
C TRP B 123 29.78 -21.61 9.55
N TYR B 124 28.84 -22.55 9.63
CA TYR B 124 28.51 -23.39 8.48
C TYR B 124 27.74 -22.60 7.43
N VAL B 125 28.04 -22.89 6.15
CA VAL B 125 27.35 -22.26 5.03
C VAL B 125 26.02 -22.98 4.80
N ASP B 126 25.01 -22.26 4.31
CA ASP B 126 23.73 -22.87 3.90
C ASP B 126 23.03 -23.71 5.01
N PRO B 127 22.83 -23.13 6.20
CA PRO B 127 22.08 -23.87 7.21
C PRO B 127 20.60 -23.95 6.85
N SER B 128 19.97 -25.08 7.09
CA SER B 128 18.55 -25.23 6.81
C SER B 128 17.81 -25.83 7.98
N ILE B 129 16.55 -25.43 8.13
CA ILE B 129 15.69 -25.94 9.19
C ILE B 129 14.44 -26.57 8.60
N GLU B 130 13.88 -27.55 9.32
CA GLU B 130 12.56 -28.12 9.00
C GLU B 130 11.85 -28.57 10.25
N PHE B 131 10.54 -28.34 10.29
CA PHE B 131 9.69 -28.74 11.41
C PHE B 131 8.91 -30.01 11.12
N ILE B 132 9.32 -31.11 11.75
CA ILE B 132 8.75 -32.44 11.54
C ILE B 132 8.59 -33.15 12.90
N ASP B 133 7.44 -33.77 13.13
CA ASP B 133 7.16 -34.51 14.38
C ASP B 133 7.24 -33.58 15.62
N GLY B 134 6.96 -32.29 15.45
CA GLY B 134 7.17 -31.30 16.50
C GLY B 134 8.62 -31.08 16.94
N LYS B 135 9.55 -31.28 16.02
CA LYS B 135 10.98 -31.05 16.27
C LYS B 135 11.55 -30.11 15.20
N MET B 136 12.43 -29.22 15.63
CA MET B 136 13.09 -28.30 14.71
C MET B 136 14.43 -28.91 14.29
N TYR B 137 14.41 -29.60 13.13
CA TYR B 137 15.64 -30.20 12.57
C TYR B 137 16.52 -29.12 11.94
N PHE B 138 17.82 -29.27 12.11
CA PHE B 138 18.82 -28.34 11.59
C PHE B 138 19.75 -29.20 10.74
N LEU B 139 19.93 -28.79 9.49
CA LEU B 139 20.76 -29.52 8.53
C LEU B 139 21.75 -28.54 7.93
N SER B 140 23.01 -28.95 7.81
CA SER B 140 24.02 -28.11 7.20
C SER B 140 25.21 -28.90 6.66
N PRO B 141 25.91 -28.36 5.65
CA PRO B 141 27.18 -28.93 5.27
C PRO B 141 28.28 -28.53 6.27
N ASP B 142 29.43 -29.21 6.21
CA ASP B 142 30.56 -28.93 7.13
C ASP B 142 31.82 -28.34 6.46
N ASN B 143 31.76 -28.05 5.16
CA ASN B 143 32.92 -27.57 4.38
C ASN B 143 34.03 -28.61 4.23
N GLN B 144 33.68 -29.89 4.42
CA GLN B 144 34.57 -31.02 4.20
C GLN B 144 33.78 -32.19 3.58
N GLY B 145 32.84 -31.88 2.68
CA GLY B 145 32.12 -32.89 1.89
C GLY B 145 30.85 -33.53 2.47
N SER B 146 30.59 -33.37 3.77
CA SER B 146 29.52 -34.11 4.49
C SER B 146 28.38 -33.21 5.01
N PHE B 147 27.24 -33.83 5.35
CA PHE B 147 26.05 -33.10 5.83
C PHE B 147 25.77 -33.44 7.30
N LEU B 148 25.64 -32.41 8.12
CA LEU B 148 25.42 -32.55 9.55
C LEU B 148 23.95 -32.30 9.91
N LEU B 149 23.39 -33.16 10.75
CA LEU B 149 22.00 -33.04 11.20
C LEU B 149 21.91 -33.00 12.70
N GLY B 150 20.95 -32.21 13.20
CA GLY B 150 20.67 -32.12 14.63
C GLY B 150 19.31 -31.53 14.90
N VAL B 151 18.92 -31.48 16.17
CA VAL B 151 17.64 -30.93 16.59
C VAL B 151 17.92 -29.77 17.55
N MET B 152 17.06 -28.76 17.49
CA MET B 152 17.31 -27.48 18.10
C MET B 152 16.08 -27.04 18.88
N ASP B 153 16.29 -26.42 20.02
CA ASP B 153 15.19 -25.82 20.77
C ASP B 153 14.86 -24.50 20.06
N PRO B 154 13.59 -24.32 19.62
CA PRO B 154 13.20 -23.06 18.95
C PRO B 154 13.39 -21.79 19.77
N GLU B 155 13.25 -21.88 21.09
CA GLU B 155 13.27 -20.71 21.96
C GLU B 155 14.69 -20.14 22.15
N THR B 156 15.72 -21.00 22.06
CA THR B 156 17.08 -20.64 22.49
C THR B 156 18.22 -20.83 21.48
N GLY B 157 18.05 -21.72 20.51
CA GLY B 157 19.11 -22.04 19.55
C GLY B 157 20.04 -23.18 19.95
N THR B 158 19.87 -23.70 21.17
CA THR B 158 20.72 -24.77 21.71
C THR B 158 20.32 -26.11 21.09
N PHE B 159 21.31 -26.92 20.74
CA PHE B 159 21.06 -28.25 20.16
C PHE B 159 20.68 -29.29 21.20
N VAL B 160 19.39 -29.58 21.31
CA VAL B 160 18.92 -30.66 22.20
C VAL B 160 19.45 -32.04 21.74
N GLU B 161 19.48 -32.26 20.43
CA GLU B 161 20.11 -33.46 19.84
C GLU B 161 21.23 -32.93 18.96
N ALA B 162 22.47 -33.31 19.29
CA ALA B 162 23.65 -32.65 18.75
C ALA B 162 23.89 -32.97 17.29
N LEU B 163 24.64 -32.10 16.62
CA LEU B 163 24.99 -32.28 15.22
C LEU B 163 25.82 -33.55 15.04
N ARG B 164 25.54 -34.28 13.97
CA ARG B 164 26.34 -35.42 13.56
C ARG B 164 26.25 -35.62 12.06
N LYS B 165 27.31 -36.20 11.49
CA LYS B 165 27.32 -36.63 10.09
C LYS B 165 26.23 -37.71 9.88
N VAL B 166 25.30 -37.45 8.96
CA VAL B 166 24.27 -38.43 8.57
C VAL B 166 24.37 -38.86 7.10
N ALA B 167 25.08 -38.11 6.28
CA ALA B 167 25.21 -38.40 4.85
C ALA B 167 26.27 -37.46 4.29
N SER B 168 26.57 -37.59 3.00
CA SER B 168 27.52 -36.69 2.34
C SER B 168 27.07 -36.32 0.93
N GLY B 169 27.89 -35.55 0.24
CA GLY B 169 27.65 -35.21 -1.16
C GLY B 169 27.75 -36.47 -2.01
N LEU B 170 27.25 -36.40 -3.25
CA LEU B 170 27.18 -37.56 -4.13
C LEU B 170 28.20 -37.54 -5.28
N GLY B 171 29.38 -36.97 -5.04
CA GLY B 171 30.50 -36.98 -6.00
C GLY B 171 30.91 -35.63 -6.59
N GLY B 172 29.94 -34.74 -6.77
CA GLY B 172 30.18 -33.43 -7.37
C GLY B 172 30.84 -32.42 -6.43
N SER B 173 31.36 -31.34 -7.01
CA SER B 173 32.04 -30.26 -6.29
C SER B 173 31.19 -29.54 -5.24
N SER B 174 31.87 -29.05 -4.19
CA SER B 174 31.29 -28.25 -3.11
C SER B 174 29.79 -28.49 -2.81
N PRO B 175 29.47 -29.59 -2.09
CA PRO B 175 28.10 -29.88 -1.66
C PRO B 175 27.52 -28.74 -0.81
N GLU B 176 26.43 -28.15 -1.29
CA GLU B 176 25.86 -26.94 -0.73
C GLU B 176 24.34 -27.08 -0.64
N GLY B 177 23.72 -26.12 0.04
CA GLY B 177 22.27 -25.96 0.09
C GLY B 177 21.44 -27.19 0.43
N PRO B 178 21.79 -27.88 1.53
CA PRO B 178 21.01 -29.05 1.89
C PRO B 178 19.65 -28.70 2.49
N HIS B 179 18.59 -29.35 2.03
CA HIS B 179 17.28 -29.23 2.66
C HIS B 179 16.75 -30.61 3.02
N PHE B 180 15.97 -30.63 4.09
CA PHE B 180 15.51 -31.83 4.75
C PHE B 180 13.98 -31.87 4.68
N TYR B 181 13.42 -32.94 4.13
CA TYR B 181 11.96 -33.10 4.07
C TYR B 181 11.57 -34.51 4.47
N LYS B 182 10.42 -34.64 5.13
CA LYS B 182 9.81 -35.93 5.38
C LYS B 182 8.65 -35.97 4.41
N ILE B 183 8.75 -36.84 3.40
CA ILE B 183 7.71 -36.96 2.38
C ILE B 183 7.32 -38.42 2.26
N GLY B 184 6.10 -38.74 2.68
CA GLY B 184 5.61 -40.12 2.66
C GLY B 184 6.44 -40.97 3.59
N ASP B 185 7.00 -42.07 3.06
CA ASP B 185 7.73 -43.05 3.86
C ASP B 185 9.09 -42.59 4.35
N TYR B 186 9.74 -41.67 3.61
CA TYR B 186 11.17 -41.38 3.79
C TYR B 186 11.49 -39.94 4.21
N TYR B 187 12.68 -39.78 4.78
CA TYR B 187 13.31 -38.48 4.99
C TYR B 187 14.23 -38.26 3.81
N TYR B 188 14.23 -37.04 3.27
CA TYR B 188 15.01 -36.71 2.08
C TYR B 188 15.97 -35.59 2.41
N ILE B 189 17.20 -35.71 1.90
CA ILE B 189 18.14 -34.61 1.84
C ILE B 189 18.31 -34.25 0.37
N MET B 190 17.81 -33.08 -0.02
CA MET B 190 18.02 -32.52 -1.35
C MET B 190 19.11 -31.45 -1.26
N SER B 191 20.02 -31.44 -2.22
CA SER B 191 21.21 -30.57 -2.15
C SER B 191 21.75 -30.22 -3.53
N ALA B 192 22.60 -29.21 -3.57
CA ALA B 192 23.32 -28.80 -4.77
C ALA B 192 24.77 -29.29 -4.73
N GLU B 193 25.36 -29.42 -5.91
CA GLU B 193 26.80 -29.66 -6.07
C GLU B 193 27.19 -29.32 -7.51
N GLY B 194 28.47 -29.49 -7.87
CA GLY B 194 28.99 -29.10 -9.19
C GLY B 194 29.58 -27.69 -9.30
N GLY B 195 29.33 -26.84 -8.29
CA GLY B 195 29.87 -25.48 -8.24
C GLY B 195 28.81 -24.41 -8.38
N THR B 196 29.19 -23.28 -8.97
CA THR B 196 28.26 -22.24 -9.41
C THR B 196 28.49 -21.90 -10.89
N GLY B 197 29.08 -22.85 -11.62
CA GLY B 197 29.33 -22.72 -13.07
C GLY B 197 28.30 -23.51 -13.86
N TYR B 198 28.67 -23.91 -15.07
CA TYR B 198 27.78 -24.68 -15.96
C TYR B 198 27.38 -26.05 -15.39
N GLU B 199 28.24 -26.65 -14.54
CA GLU B 199 28.02 -27.97 -13.93
C GLU B 199 27.13 -28.02 -12.65
N HIS B 200 26.63 -26.86 -12.19
CA HIS B 200 25.68 -26.78 -11.06
C HIS B 200 24.44 -27.65 -11.30
N ARG B 201 24.07 -28.45 -10.30
CA ARG B 201 22.92 -29.36 -10.38
C ARG B 201 22.34 -29.64 -8.98
N GLU B 202 21.04 -29.91 -8.91
CA GLU B 202 20.40 -30.34 -7.68
C GLU B 202 20.27 -31.85 -7.69
N VAL B 203 20.64 -32.46 -6.56
CA VAL B 203 20.58 -33.92 -6.36
C VAL B 203 19.85 -34.24 -5.07
N ILE B 204 19.41 -35.49 -4.93
CA ILE B 204 18.63 -35.92 -3.76
C ILE B 204 18.98 -37.36 -3.34
N GLN B 205 18.75 -37.64 -2.06
CA GLN B 205 18.98 -38.98 -1.48
C GLN B 205 17.97 -39.13 -0.33
N ARG B 206 17.64 -40.37 0.06
CA ARG B 206 16.64 -40.60 1.12
C ARG B 206 16.97 -41.76 2.08
N SER B 207 16.31 -41.75 3.24
CA SER B 207 16.48 -42.78 4.28
C SER B 207 15.14 -43.04 4.99
N LYS B 208 14.98 -44.22 5.56
CA LYS B 208 13.82 -44.54 6.41
C LYS B 208 13.90 -43.76 7.74
N SER B 209 15.12 -43.50 8.21
CA SER B 209 15.35 -42.78 9.48
C SER B 209 16.01 -41.42 9.22
N PRO B 210 15.72 -40.41 10.09
CA PRO B 210 16.41 -39.11 9.94
C PRO B 210 17.95 -39.23 9.94
N TRP B 211 18.47 -40.18 10.73
CA TRP B 211 19.90 -40.27 10.97
C TRP B 211 20.65 -41.06 9.92
N GLY B 212 19.93 -41.60 8.93
CA GLY B 212 20.56 -42.33 7.83
C GLY B 212 20.57 -43.82 8.09
N PRO B 213 21.32 -44.60 7.29
CA PRO B 213 22.12 -44.10 6.16
C PRO B 213 21.25 -43.70 4.98
N TYR B 214 21.76 -42.81 4.13
CA TYR B 214 21.03 -42.28 2.98
C TYR B 214 21.49 -42.90 1.67
N GLU B 215 20.53 -43.21 0.78
CA GLU B 215 20.80 -43.82 -0.50
C GLU B 215 20.39 -42.89 -1.63
N PRO B 216 21.19 -42.81 -2.70
CA PRO B 216 20.93 -41.80 -3.72
C PRO B 216 19.79 -42.16 -4.64
N SER B 217 19.19 -41.12 -5.22
CA SER B 217 18.21 -41.30 -6.27
C SER B 217 18.83 -41.98 -7.49
N PRO B 218 18.10 -42.95 -8.09
CA PRO B 218 18.52 -43.48 -9.40
C PRO B 218 18.17 -42.56 -10.57
N VAL B 219 17.45 -41.46 -10.33
CA VAL B 219 17.16 -40.50 -11.40
C VAL B 219 17.70 -39.09 -11.09
N ASN B 220 18.85 -39.03 -10.42
CA ASN B 220 19.60 -37.77 -10.28
C ASN B 220 20.16 -37.34 -11.63
N PRO B 221 20.18 -36.02 -11.93
CA PRO B 221 19.82 -34.95 -10.98
C PRO B 221 18.32 -34.62 -10.93
N VAL B 222 17.91 -33.94 -9.86
CA VAL B 222 16.53 -33.44 -9.74
C VAL B 222 16.32 -32.32 -10.74
N LEU B 223 17.24 -31.37 -10.77
CA LEU B 223 17.28 -30.34 -11.80
C LEU B 223 18.71 -29.90 -12.11
N SER B 224 18.93 -29.53 -13.37
CA SER B 224 20.20 -29.02 -13.87
C SER B 224 20.03 -28.70 -15.35
N ASN B 225 20.75 -27.68 -15.83
CA ASN B 225 20.88 -27.40 -17.26
C ASN B 225 22.32 -27.67 -17.77
N MET B 226 23.08 -28.50 -17.05
CA MET B 226 24.41 -28.97 -17.48
C MET B 226 24.37 -29.62 -18.87
N ASN B 227 23.36 -30.47 -19.12
CA ASN B 227 23.26 -31.21 -20.38
C ASN B 227 23.00 -30.38 -21.64
N CYS B 228 22.57 -29.13 -21.48
CA CYS B 228 22.08 -28.30 -22.59
C CYS B 228 22.89 -26.98 -22.67
N PRO B 229 24.07 -26.99 -23.34
CA PRO B 229 24.86 -25.75 -23.46
C PRO B 229 24.17 -24.64 -24.25
N ASP B 230 23.25 -25.01 -25.16
CA ASP B 230 22.46 -24.03 -25.91
C ASP B 230 21.44 -23.24 -25.08
N HIS B 231 20.95 -23.81 -23.96
CA HIS B 231 19.78 -23.27 -23.23
C HIS B 231 20.05 -21.89 -22.65
N PRO B 232 19.09 -20.94 -22.78
CA PRO B 232 19.31 -19.58 -22.30
C PRO B 232 19.44 -19.44 -20.77
N PHE B 233 19.02 -20.46 -20.02
CA PHE B 233 19.27 -20.58 -18.57
C PHE B 233 20.37 -21.59 -18.28
N GLN B 234 21.21 -21.25 -17.29
CA GLN B 234 22.44 -21.97 -16.94
C GLN B 234 22.72 -21.85 -15.42
N ALA B 235 23.68 -22.64 -14.93
CA ALA B 235 24.02 -22.69 -13.49
C ALA B 235 22.78 -22.91 -12.58
N ILE B 236 21.89 -23.77 -13.06
CA ILE B 236 20.63 -24.08 -12.40
C ILE B 236 20.92 -24.97 -11.17
N GLY B 237 20.50 -24.52 -10.00
CA GLY B 237 20.71 -25.30 -8.77
C GLY B 237 20.28 -24.55 -7.53
N HIS B 238 20.62 -25.11 -6.37
CA HIS B 238 20.25 -24.58 -5.06
C HIS B 238 18.73 -24.43 -4.93
N ALA B 239 18.03 -25.55 -5.03
CA ALA B 239 16.58 -25.57 -5.12
C ALA B 239 15.98 -25.67 -3.73
N ASP B 240 14.68 -25.37 -3.64
CA ASP B 240 13.86 -25.58 -2.45
C ASP B 240 12.45 -25.95 -2.89
N LEU B 241 11.88 -26.97 -2.25
CA LEU B 241 10.59 -27.54 -2.68
C LEU B 241 9.40 -26.89 -1.98
N VAL B 242 8.26 -26.89 -2.64
CA VAL B 242 6.99 -26.49 -2.02
C VAL B 242 5.86 -27.36 -2.53
N GLN B 243 4.98 -27.78 -1.61
CA GLN B 243 3.78 -28.54 -1.99
C GLN B 243 2.50 -27.70 -1.84
N LEU B 244 1.66 -27.77 -2.87
CA LEU B 244 0.36 -27.08 -2.92
C LEU B 244 -0.77 -27.89 -2.27
N LYS B 245 -1.88 -27.21 -1.95
CA LYS B 245 -3.06 -27.86 -1.38
C LYS B 245 -3.68 -28.97 -2.25
N ASP B 246 -3.48 -28.90 -3.57
CA ASP B 246 -3.89 -29.99 -4.49
C ASP B 246 -2.93 -31.20 -4.52
N GLY B 247 -1.88 -31.19 -3.71
CA GLY B 247 -0.92 -32.29 -3.65
C GLY B 247 0.32 -32.14 -4.52
N SER B 248 0.27 -31.27 -5.53
CA SER B 248 1.36 -31.13 -6.52
C SER B 248 2.54 -30.37 -5.95
N TRP B 249 3.67 -30.56 -6.60
CA TRP B 249 4.96 -30.10 -6.13
C TRP B 249 5.65 -29.16 -7.10
N TRP B 250 6.23 -28.10 -6.54
CA TRP B 250 6.99 -27.14 -7.29
C TRP B 250 8.31 -26.91 -6.58
N ALA B 251 9.29 -26.49 -7.38
CA ALA B 251 10.62 -26.17 -6.90
C ALA B 251 10.94 -24.74 -7.29
N VAL B 252 11.63 -24.02 -6.41
CA VAL B 252 12.26 -22.77 -6.77
C VAL B 252 13.75 -23.03 -6.71
N CYS B 253 14.51 -22.37 -7.57
CA CYS B 253 15.96 -22.52 -7.60
C CYS B 253 16.62 -21.26 -8.17
N LEU B 254 17.95 -21.23 -8.09
CA LEU B 254 18.71 -20.15 -8.71
C LEU B 254 19.23 -20.59 -10.08
N GLY B 255 19.55 -19.60 -10.91
CA GLY B 255 20.20 -19.81 -12.20
C GLY B 255 20.75 -18.50 -12.72
N ILE B 256 21.28 -18.51 -13.94
CA ILE B 256 21.75 -17.30 -14.60
C ILE B 256 21.27 -17.25 -16.03
N ARG B 257 21.12 -16.03 -16.56
CA ARG B 257 20.76 -15.79 -17.95
C ARG B 257 21.97 -15.12 -18.62
N PRO B 258 22.86 -15.90 -19.27
CA PRO B 258 24.05 -15.28 -19.85
C PRO B 258 23.82 -14.58 -21.19
N VAL B 259 24.67 -13.61 -21.50
CA VAL B 259 24.62 -12.89 -22.78
C VAL B 259 25.49 -13.62 -23.78
N ASN B 260 24.94 -13.92 -24.96
CA ASN B 260 25.67 -14.67 -26.01
C ASN B 260 26.28 -15.97 -25.45
N GLY B 261 25.58 -16.59 -24.51
CA GLY B 261 26.07 -17.75 -23.78
C GLY B 261 27.36 -17.62 -22.99
N LYS B 262 27.96 -16.42 -22.89
CA LYS B 262 29.34 -16.25 -22.37
C LYS B 262 29.47 -15.61 -20.94
N TYR B 263 28.66 -14.60 -20.64
CA TYR B 263 28.78 -13.85 -19.36
C TYR B 263 27.42 -13.36 -18.79
N GLN B 264 27.37 -13.18 -17.47
CA GLN B 264 26.14 -12.71 -16.79
C GLN B 264 26.44 -11.57 -15.81
N HIS B 265 25.63 -10.52 -15.85
CA HIS B 265 25.83 -9.35 -14.98
C HIS B 265 24.65 -9.02 -14.07
N LEU B 266 23.46 -9.56 -14.34
CA LEU B 266 22.28 -9.28 -13.52
C LEU B 266 22.32 -9.98 -12.16
N GLY B 267 23.20 -10.97 -12.01
CA GLY B 267 23.30 -11.78 -10.81
C GLY B 267 22.56 -13.08 -11.00
N ARG B 268 22.50 -13.89 -9.94
CA ARG B 268 21.76 -15.13 -10.02
C ARG B 268 20.32 -14.78 -9.65
N GLU B 269 19.40 -15.28 -10.47
CA GLU B 269 17.98 -14.95 -10.42
C GLU B 269 17.18 -16.17 -9.93
N THR B 270 15.89 -15.96 -9.65
CA THR B 270 15.01 -17.01 -9.14
C THR B 270 14.06 -17.63 -10.21
N PHE B 271 14.02 -18.97 -10.24
CA PHE B 271 13.31 -19.73 -11.25
C PHE B 271 12.29 -20.66 -10.60
N LEU B 272 11.29 -21.05 -11.38
CA LEU B 272 10.21 -21.90 -10.92
C LEU B 272 10.05 -23.05 -11.90
N ALA B 273 9.97 -24.27 -11.38
CA ALA B 273 9.80 -25.46 -12.21
C ALA B 273 8.99 -26.55 -11.47
N PRO B 274 8.10 -27.27 -12.20
CA PRO B 274 7.28 -28.30 -11.57
C PRO B 274 8.08 -29.57 -11.31
N VAL B 275 7.87 -30.16 -10.14
CA VAL B 275 8.49 -31.41 -9.74
C VAL B 275 7.49 -32.56 -9.87
N THR B 276 7.93 -33.63 -10.52
CA THR B 276 7.14 -34.85 -10.71
C THR B 276 7.78 -36.00 -9.97
N TRP B 277 6.99 -36.73 -9.18
CA TRP B 277 7.49 -37.90 -8.45
C TRP B 277 7.23 -39.17 -9.25
N ASP B 278 8.24 -40.02 -9.39
CA ASP B 278 8.08 -41.29 -10.12
C ASP B 278 7.47 -42.39 -9.22
N ALA B 279 7.18 -43.55 -9.83
CA ALA B 279 6.52 -44.68 -9.16
C ALA B 279 7.20 -45.17 -7.87
N ASP B 280 8.52 -45.01 -7.77
CA ASP B 280 9.30 -45.42 -6.60
C ASP B 280 9.47 -44.34 -5.53
N GLY B 281 8.92 -43.14 -5.76
CA GLY B 281 9.04 -42.01 -4.83
C GLY B 281 10.31 -41.17 -4.98
N TRP B 282 10.72 -40.91 -6.22
CA TRP B 282 11.89 -40.07 -6.50
C TRP B 282 11.49 -38.89 -7.40
N PRO B 283 11.86 -37.65 -7.01
CA PRO B 283 11.44 -36.47 -7.76
C PRO B 283 12.40 -36.06 -8.89
N LYS B 284 11.86 -35.51 -9.95
CA LYS B 284 12.66 -34.93 -11.02
C LYS B 284 11.85 -33.84 -11.74
N VAL B 285 12.52 -32.79 -12.22
CA VAL B 285 11.88 -31.79 -13.09
C VAL B 285 11.85 -32.34 -14.52
N GLY B 286 10.67 -32.64 -15.05
CA GLY B 286 10.55 -33.15 -16.42
C GLY B 286 11.23 -34.51 -16.60
N LYS B 287 11.53 -34.85 -17.85
CA LYS B 287 12.22 -36.10 -18.17
C LYS B 287 13.74 -35.97 -17.99
N ASP B 288 14.27 -34.76 -18.15
CA ASP B 288 15.73 -34.52 -18.22
C ASP B 288 16.33 -33.58 -17.15
N GLY B 289 15.49 -32.96 -16.31
CA GLY B 289 15.98 -32.09 -15.23
C GLY B 289 16.17 -30.65 -15.65
N VAL B 290 15.90 -30.35 -16.92
CA VAL B 290 16.18 -29.05 -17.51
C VAL B 290 15.06 -28.07 -17.14
N VAL B 291 15.43 -26.97 -16.50
CA VAL B 291 14.47 -25.88 -16.19
C VAL B 291 14.25 -25.05 -17.46
N GLN B 292 12.99 -24.95 -17.87
CA GLN B 292 12.57 -24.44 -19.19
C GLN B 292 12.12 -22.98 -19.14
N GLU B 293 11.99 -22.38 -20.32
CA GLU B 293 11.66 -20.97 -20.46
C GLU B 293 10.23 -20.71 -20.04
N THR B 294 9.32 -21.59 -20.42
CA THR B 294 7.91 -21.47 -20.04
C THR B 294 7.34 -22.80 -19.59
N TYR B 295 6.24 -22.71 -18.86
CA TYR B 295 5.55 -23.86 -18.28
C TYR B 295 4.09 -23.54 -18.17
N LEU B 296 3.27 -24.58 -18.17
CA LEU B 296 1.86 -24.43 -17.84
C LEU B 296 1.78 -23.89 -16.41
N PHE B 297 0.82 -22.98 -16.22
CA PHE B 297 0.62 -22.30 -14.93
C PHE B 297 0.45 -23.35 -13.82
N PRO B 298 0.85 -23.03 -12.57
CA PRO B 298 0.53 -23.93 -11.46
C PRO B 298 -0.97 -24.03 -11.21
N ASN B 299 -1.41 -25.07 -10.51
CA ASN B 299 -2.82 -25.23 -10.21
C ASN B 299 -3.26 -24.32 -9.05
N LEU B 300 -3.31 -23.02 -9.34
CA LEU B 300 -3.57 -21.97 -8.36
C LEU B 300 -4.21 -20.84 -9.14
N PRO B 301 -5.19 -20.14 -8.54
CA PRO B 301 -5.71 -19.00 -9.28
C PRO B 301 -4.66 -17.87 -9.44
N SER B 302 -4.58 -17.32 -10.64
CA SER B 302 -3.69 -16.21 -10.95
C SER B 302 -4.02 -14.97 -10.09
N HIS B 303 -2.99 -14.29 -9.59
CA HIS B 303 -3.14 -13.09 -8.76
C HIS B 303 -2.00 -12.10 -9.05
N VAL B 304 -2.21 -11.27 -10.07
CA VAL B 304 -1.26 -10.22 -10.45
C VAL B 304 -1.34 -9.07 -9.45
N TRP B 305 -0.18 -8.58 -9.02
CA TRP B 305 -0.11 -7.45 -8.09
C TRP B 305 -0.13 -6.13 -8.86
N MET B 306 -0.46 -5.05 -8.15
CA MET B 306 -0.41 -3.69 -8.70
C MET B 306 1.00 -3.40 -9.20
N GLU B 307 1.14 -3.01 -10.46
CA GLU B 307 2.44 -2.62 -11.03
C GLU B 307 3.02 -1.41 -10.28
N GLN B 308 4.30 -1.49 -9.93
CA GLN B 308 4.99 -0.40 -9.22
C GLN B 308 5.34 0.67 -10.26
N PRO B 309 4.97 1.94 -10.01
CA PRO B 309 5.12 2.94 -11.07
C PRO B 309 6.59 3.22 -11.39
N VAL B 310 6.87 3.62 -12.62
CA VAL B 310 8.22 3.85 -13.13
C VAL B 310 8.98 4.88 -12.29
N ARG B 311 8.30 6.00 -11.98
CA ARG B 311 8.90 7.08 -11.22
C ARG B 311 8.70 6.89 -9.72
N ASP B 312 9.78 7.01 -8.97
CA ASP B 312 9.73 7.27 -7.54
C ASP B 312 9.96 8.77 -7.38
N ASP B 313 8.93 9.46 -6.89
CA ASP B 313 8.91 10.91 -6.71
C ASP B 313 9.47 11.36 -5.37
N PHE B 314 9.86 10.42 -4.52
CA PHE B 314 10.50 10.74 -3.24
C PHE B 314 9.65 11.75 -2.46
N ASP B 315 8.35 11.46 -2.39
CA ASP B 315 7.33 12.41 -1.92
C ASP B 315 6.51 11.86 -0.75
N GLN B 316 7.13 11.01 0.06
CA GLN B 316 6.53 10.44 1.29
C GLN B 316 7.65 10.14 2.28
N GLU B 317 7.29 10.02 3.57
CA GLU B 317 8.29 9.81 4.64
C GLU B 317 9.04 8.46 4.55
N THR B 318 8.42 7.45 3.95
CA THR B 318 8.99 6.10 3.88
C THR B 318 9.70 5.84 2.55
N LEU B 319 10.89 5.24 2.65
CA LEU B 319 11.69 4.92 1.49
C LEU B 319 11.18 3.61 0.92
N GLY B 320 11.05 3.55 -0.40
CA GLY B 320 10.61 2.34 -1.10
C GLY B 320 11.44 1.11 -0.73
N LEU B 321 10.78 -0.04 -0.63
CA LEU B 321 11.41 -1.29 -0.19
C LEU B 321 12.54 -1.81 -1.09
N ASP B 322 12.49 -1.48 -2.39
CA ASP B 322 13.55 -1.89 -3.34
C ASP B 322 14.88 -1.18 -3.08
N TRP B 323 14.84 0.01 -2.50
CA TRP B 323 16.08 0.78 -2.23
C TRP B 323 16.96 0.08 -1.22
N THR B 324 18.25 -0.02 -1.55
CA THR B 324 19.22 -0.78 -0.77
C THR B 324 20.49 0.04 -0.52
N PHE B 325 21.11 -0.22 0.62
CA PHE B 325 22.32 0.44 1.05
C PHE B 325 23.49 -0.54 1.02
N ILE B 326 24.70 -0.01 1.16
CA ILE B 326 25.92 -0.83 1.23
C ILE B 326 26.31 -0.93 2.71
N ARG B 327 26.35 -2.15 3.27
CA ARG B 327 26.67 -2.38 4.70
C ARG B 327 25.69 -1.61 5.61
N ASN B 328 26.10 -1.12 6.80
CA ASN B 328 25.14 -0.48 7.73
C ASN B 328 25.04 1.05 7.57
N PRO B 329 23.97 1.55 6.90
CA PRO B 329 23.89 2.99 6.62
C PRO B 329 23.56 3.83 7.86
N ALA B 330 24.32 4.91 8.06
CA ALA B 330 23.99 5.91 9.07
C ALA B 330 22.91 6.80 8.49
N HIS B 331 21.80 6.96 9.22
CA HIS B 331 20.67 7.74 8.74
C HIS B 331 21.01 9.21 8.51
N SER B 332 22.06 9.73 9.15
CA SER B 332 22.47 11.12 8.92
C SER B 332 22.85 11.47 7.46
N PHE B 333 23.25 10.50 6.64
CA PHE B 333 23.59 10.82 5.24
C PHE B 333 22.41 10.91 4.29
N TRP B 334 21.22 10.50 4.72
CA TRP B 334 20.04 10.56 3.85
C TRP B 334 18.79 11.01 4.59
N SER B 335 17.94 11.72 3.84
CA SER B 335 16.68 12.20 4.36
C SER B 335 15.67 12.38 3.25
N LEU B 336 14.41 12.03 3.56
CA LEU B 336 13.23 12.41 2.78
C LEU B 336 12.44 13.53 3.49
N THR B 337 13.01 14.02 4.59
CA THR B 337 12.38 14.92 5.57
C THR B 337 12.85 16.38 5.39
N GLU B 338 14.16 16.58 5.21
CA GLU B 338 14.78 17.91 5.15
C GLU B 338 14.39 18.73 3.92
N LYS B 339 14.28 18.07 2.77
CA LYS B 339 13.81 18.70 1.53
C LYS B 339 12.60 17.91 1.01
N PRO B 340 11.39 18.20 1.53
CA PRO B 340 10.19 17.43 1.18
C PRO B 340 10.03 17.33 -0.33
N GLY B 341 9.79 16.11 -0.83
CA GLY B 341 9.69 15.87 -2.27
C GLY B 341 11.00 15.51 -2.96
N SER B 342 12.09 15.52 -2.22
CA SER B 342 13.38 15.10 -2.74
C SER B 342 14.02 14.07 -1.82
N LEU B 343 14.81 13.18 -2.38
CA LEU B 343 15.76 12.40 -1.59
C LEU B 343 17.02 13.24 -1.48
N ARG B 344 17.33 13.67 -0.27
CA ARG B 344 18.55 14.44 -0.02
C ARG B 344 19.68 13.49 0.39
N LEU B 345 20.77 13.54 -0.35
CA LEU B 345 21.92 12.66 -0.12
C LEU B 345 23.17 13.49 0.19
N LYS B 346 23.78 13.22 1.34
CA LYS B 346 24.94 13.92 1.84
C LYS B 346 26.15 13.01 1.72
N GLY B 347 26.97 13.22 0.69
CA GLY B 347 28.22 12.49 0.53
C GLY B 347 29.17 12.72 1.68
N THR B 348 29.75 11.65 2.23
CA THR B 348 30.70 11.79 3.33
C THR B 348 32.08 11.61 2.74
N ALA B 349 33.10 11.53 3.59
CA ALA B 349 34.44 11.15 3.14
C ALA B 349 34.46 9.75 2.50
N ILE B 350 33.49 8.92 2.88
CA ILE B 350 33.50 7.52 2.57
C ILE B 350 33.23 7.36 1.07
N ASN B 351 34.04 6.54 0.41
CA ASN B 351 33.75 6.07 -0.94
C ASN B 351 33.74 4.54 -0.94
N PHE B 352 33.95 3.90 -2.08
CA PHE B 352 33.90 2.43 -2.18
C PHE B 352 35.16 1.71 -1.70
N THR B 353 36.30 2.42 -1.59
CA THR B 353 37.59 1.77 -1.33
C THR B 353 37.81 1.33 0.12
N THR B 354 36.86 1.60 1.03
CA THR B 354 36.79 0.91 2.33
C THR B 354 35.49 0.10 2.48
N ASN B 355 35.48 -0.76 3.49
CA ASN B 355 34.35 -1.61 3.81
C ASN B 355 33.49 -0.91 4.87
N ASP B 356 32.90 0.21 4.47
CA ASP B 356 32.11 1.07 5.33
C ASP B 356 30.77 1.23 4.59
N SER B 357 29.93 2.16 5.03
CA SER B 357 28.69 2.44 4.31
C SER B 357 28.78 3.80 3.62
N PRO B 358 29.10 3.81 2.30
CA PRO B 358 29.11 5.08 1.59
C PRO B 358 27.70 5.57 1.37
N SER B 359 27.56 6.87 1.10
CA SER B 359 26.26 7.46 0.84
C SER B 359 25.74 7.02 -0.54
N PHE B 360 25.19 5.80 -0.56
CA PHE B 360 24.71 5.13 -1.76
C PHE B 360 23.37 4.48 -1.45
N ILE B 361 22.41 4.66 -2.36
CA ILE B 361 21.09 4.08 -2.26
C ILE B 361 20.74 3.61 -3.67
N GLY B 362 20.53 2.31 -3.84
CA GLY B 362 20.33 1.74 -5.18
C GLY B 362 19.40 0.55 -5.22
N ARG B 363 19.29 -0.03 -6.41
CA ARG B 363 18.37 -1.13 -6.63
C ARG B 363 18.88 -2.10 -7.68
N ARG B 364 18.43 -3.35 -7.55
CA ARG B 364 18.82 -4.43 -8.45
C ARG B 364 18.46 -4.11 -9.90
N GLN B 365 19.39 -4.35 -10.82
CA GLN B 365 19.09 -4.24 -12.24
C GLN B 365 18.25 -5.45 -12.61
N ALA B 366 16.95 -5.23 -12.66
CA ALA B 366 15.97 -6.30 -12.80
C ALA B 366 15.76 -6.76 -14.25
N ALA B 367 16.42 -6.14 -15.22
CA ALA B 367 16.29 -6.55 -16.62
C ALA B 367 17.50 -6.14 -17.46
N PHE B 368 17.67 -6.80 -18.60
CA PHE B 368 18.76 -6.48 -19.52
C PHE B 368 18.54 -5.10 -20.17
N ASN B 369 17.35 -4.91 -20.74
CA ASN B 369 17.00 -3.67 -21.45
C ASN B 369 16.22 -2.81 -20.48
N LEU B 370 16.72 -1.60 -20.25
CA LEU B 370 16.35 -0.84 -19.07
C LEU B 370 16.84 0.59 -19.18
N THR B 371 16.04 1.52 -18.68
CA THR B 371 16.47 2.91 -18.52
C THR B 371 16.30 3.33 -17.07
N ALA B 372 17.34 3.94 -16.52
CA ALA B 372 17.33 4.47 -15.18
C ALA B 372 17.81 5.89 -15.26
N SER B 373 16.98 6.83 -14.81
CA SER B 373 17.33 8.24 -14.85
C SER B 373 16.87 8.95 -13.61
N ALA B 374 17.47 10.10 -13.36
CA ALA B 374 17.19 10.85 -12.15
C ALA B 374 17.47 12.35 -12.32
N LYS B 375 16.60 13.16 -11.72
CA LYS B 375 16.74 14.61 -11.70
C LYS B 375 17.48 14.98 -10.41
N VAL B 376 18.64 15.62 -10.54
CA VAL B 376 19.51 15.91 -9.41
C VAL B 376 19.85 17.39 -9.36
N ASN B 377 19.85 17.94 -8.14
CA ASN B 377 20.43 19.24 -7.86
C ASN B 377 21.70 19.05 -7.02
N PHE B 378 22.85 19.36 -7.59
CA PHE B 378 24.11 19.24 -6.87
C PHE B 378 25.13 20.25 -7.34
N ILE B 379 25.57 21.09 -6.41
CA ILE B 379 26.61 22.08 -6.65
C ILE B 379 27.87 21.61 -5.92
N PRO B 380 28.90 21.19 -6.68
CA PRO B 380 30.16 20.87 -6.04
C PRO B 380 31.01 22.13 -5.89
N LYS B 381 31.63 22.28 -4.72
CA LYS B 381 32.48 23.45 -4.41
C LYS B 381 33.98 23.19 -4.63
N VAL B 382 34.44 21.95 -4.51
CA VAL B 382 35.87 21.59 -4.75
C VAL B 382 35.94 20.25 -5.51
N GLU B 383 37.07 20.00 -6.18
CA GLU B 383 37.20 18.89 -7.16
C GLU B 383 36.90 17.47 -6.62
N ASN B 384 37.12 17.24 -5.32
CA ASN B 384 36.85 15.92 -4.69
C ASN B 384 35.37 15.59 -4.45
N GLU B 385 34.47 16.56 -4.69
CA GLU B 385 33.06 16.40 -4.37
C GLU B 385 32.31 15.94 -5.60
N GLU B 386 31.49 14.91 -5.44
CA GLU B 386 30.78 14.34 -6.55
C GLU B 386 29.46 13.68 -6.14
N ALA B 387 28.48 13.72 -7.03
CA ALA B 387 27.20 13.08 -6.81
C ALA B 387 26.55 12.75 -8.13
N GLY B 388 25.78 11.67 -8.16
CA GLY B 388 25.09 11.27 -9.38
C GLY B 388 24.60 9.84 -9.30
N LEU B 389 24.63 9.15 -10.44
CA LEU B 389 24.27 7.73 -10.54
C LEU B 389 25.49 6.83 -10.70
N VAL B 390 25.42 5.64 -10.10
CA VAL B 390 26.47 4.64 -10.21
C VAL B 390 25.90 3.28 -10.60
N VAL B 391 26.58 2.63 -11.54
CA VAL B 391 26.35 1.24 -11.88
C VAL B 391 27.43 0.48 -11.13
N ARG B 392 27.01 -0.30 -10.13
CA ARG B 392 27.93 -0.99 -9.23
C ARG B 392 27.85 -2.48 -9.45
N ALA B 393 29.00 -3.11 -9.68
CA ALA B 393 29.16 -4.57 -9.52
C ALA B 393 29.72 -4.84 -8.14
N ASP B 394 30.79 -4.14 -7.77
CA ASP B 394 31.38 -4.24 -6.41
C ASP B 394 32.27 -3.02 -6.12
N ASP B 395 33.05 -3.10 -5.04
CA ASP B 395 33.93 -1.99 -4.63
C ASP B 395 35.01 -1.63 -5.65
N LYS B 396 35.47 -2.62 -6.41
CA LYS B 396 36.56 -2.44 -7.37
C LYS B 396 36.08 -2.28 -8.82
N ASN B 397 34.78 -2.41 -9.08
CA ASN B 397 34.26 -2.41 -10.46
C ASN B 397 32.91 -1.69 -10.52
N HIS B 398 32.89 -0.53 -11.16
CA HIS B 398 31.71 0.33 -11.19
C HIS B 398 31.86 1.51 -12.14
N TYR B 399 30.74 1.95 -12.70
CA TYR B 399 30.71 3.05 -13.65
C TYR B 399 29.98 4.18 -12.98
N ASP B 400 30.61 5.36 -12.96
CA ASP B 400 30.11 6.50 -12.20
C ASP B 400 29.73 7.63 -13.13
N LEU B 401 28.45 7.99 -13.13
CA LEU B 401 27.95 9.12 -13.91
C LEU B 401 27.63 10.22 -12.90
N LEU B 402 28.59 11.13 -12.71
CA LEU B 402 28.52 12.08 -11.62
C LEU B 402 28.67 13.51 -12.07
N ILE B 403 28.17 14.39 -11.22
CA ILE B 403 28.38 15.82 -11.33
C ILE B 403 29.51 16.14 -10.37
N THR B 404 30.53 16.85 -10.85
CA THR B 404 31.65 17.33 -10.02
C THR B 404 32.19 18.68 -10.54
N GLU B 405 33.32 19.14 -10.00
CA GLU B 405 33.96 20.39 -10.43
C GLU B 405 35.30 20.07 -11.08
N ARG B 406 35.52 20.56 -12.30
CA ARG B 406 36.81 20.39 -12.97
C ARG B 406 37.30 21.70 -13.57
N ASN B 407 38.43 22.18 -13.03
CA ASN B 407 39.07 23.42 -13.48
C ASN B 407 38.12 24.64 -13.47
N GLY B 408 37.44 24.83 -12.35
CA GLY B 408 36.50 25.95 -12.17
C GLY B 408 35.16 25.82 -12.86
N GLN B 409 34.95 24.71 -13.59
CA GLN B 409 33.70 24.43 -14.27
C GLN B 409 32.99 23.26 -13.58
N ARG B 410 31.68 23.37 -13.47
CA ARG B 410 30.83 22.27 -13.05
C ARG B 410 30.66 21.39 -14.28
N VAL B 411 30.88 20.08 -14.10
CA VAL B 411 30.88 19.15 -15.24
C VAL B 411 30.11 17.87 -14.93
N ALA B 412 29.60 17.24 -15.97
CA ALA B 412 29.10 15.87 -15.89
C ALA B 412 30.22 14.96 -16.35
N MET B 413 30.45 13.88 -15.61
CA MET B 413 31.55 12.98 -15.84
C MET B 413 31.07 11.54 -15.85
N ILE B 414 31.56 10.76 -16.83
CA ILE B 414 31.47 9.29 -16.82
C ILE B 414 32.86 8.81 -16.42
N ARG B 415 32.98 8.09 -15.30
CA ARG B 415 34.27 7.58 -14.85
C ARG B 415 34.16 6.07 -14.66
N LYS B 416 34.96 5.32 -15.41
CA LYS B 416 34.94 3.87 -15.38
C LYS B 416 36.07 3.38 -14.50
N THR B 417 35.74 2.66 -13.43
CA THR B 417 36.70 2.03 -12.54
C THR B 417 36.60 0.53 -12.78
N LEU B 418 37.70 -0.11 -13.22
CA LEU B 418 37.79 -1.57 -13.33
C LEU B 418 39.06 -2.09 -12.66
N LYS B 419 38.96 -3.21 -11.97
CA LYS B 419 40.09 -3.79 -11.22
C LYS B 419 40.73 -2.77 -10.27
N ASP B 420 39.89 -1.96 -9.63
CA ASP B 420 40.31 -0.95 -8.66
C ASP B 420 41.20 0.18 -9.24
N LYS B 421 41.14 0.40 -10.56
CA LYS B 421 41.91 1.45 -11.26
C LYS B 421 40.99 2.20 -12.20
N VAL B 422 41.09 3.52 -12.21
CA VAL B 422 40.32 4.34 -13.13
C VAL B 422 40.89 4.17 -14.54
N VAL B 423 40.09 3.59 -15.44
CA VAL B 423 40.53 3.31 -16.81
C VAL B 423 40.11 4.37 -17.81
N ASP B 424 38.99 5.06 -17.54
CA ASP B 424 38.50 6.10 -18.46
C ASP B 424 37.70 7.18 -17.71
N THR B 425 37.84 8.41 -18.17
CA THR B 425 37.16 9.58 -17.63
C THR B 425 36.86 10.54 -18.78
N THR B 426 35.58 10.85 -18.99
CA THR B 426 35.14 11.81 -20.01
C THR B 426 34.23 12.86 -19.35
N CYS B 427 34.36 14.12 -19.78
CA CYS B 427 33.64 15.25 -19.21
C CYS B 427 32.94 16.11 -20.26
N LYS B 428 31.77 16.67 -19.90
CA LYS B 428 31.07 17.69 -20.69
C LYS B 428 30.67 18.80 -19.73
N GLU B 429 30.80 20.05 -20.18
CA GLU B 429 30.54 21.18 -19.29
C GLU B 429 29.04 21.36 -19.05
N LEU B 430 28.68 21.64 -17.81
CA LEU B 430 27.31 21.97 -17.42
C LEU B 430 27.23 23.47 -17.11
N PRO B 431 26.01 24.02 -17.04
CA PRO B 431 25.84 25.35 -16.45
C PRO B 431 26.27 25.35 -14.98
N ALA B 432 26.60 26.51 -14.45
CA ALA B 432 27.07 26.62 -13.06
C ALA B 432 26.02 26.19 -12.02
N THR B 433 24.73 26.36 -12.36
CA THR B 433 23.61 25.94 -11.49
C THR B 433 22.48 25.34 -12.32
N GLY B 434 21.43 24.88 -11.64
CA GLY B 434 20.23 24.35 -12.27
C GLY B 434 20.17 22.84 -12.14
N GLU B 435 18.99 22.30 -12.42
CA GLU B 435 18.74 20.87 -12.31
C GLU B 435 19.43 20.12 -13.45
N VAL B 436 19.86 18.89 -13.17
CA VAL B 436 20.46 18.01 -14.17
C VAL B 436 19.72 16.67 -14.14
N ILE B 437 19.42 16.14 -15.32
CA ILE B 437 18.89 14.79 -15.45
C ILE B 437 20.03 13.90 -15.87
N LEU B 438 20.35 12.91 -15.03
CA LEU B 438 21.34 11.89 -15.34
C LEU B 438 20.59 10.64 -15.74
N SER B 439 20.98 10.04 -16.87
CA SER B 439 20.26 8.89 -17.45
C SER B 439 21.23 7.77 -17.86
N ILE B 440 20.87 6.54 -17.52
CA ILE B 440 21.63 5.36 -17.91
C ILE B 440 20.65 4.50 -18.67
N THR B 441 21.02 4.11 -19.88
CA THR B 441 20.21 3.20 -20.67
C THR B 441 21.04 1.94 -20.88
N ALA B 442 20.38 0.79 -20.74
CA ALA B 442 21.05 -0.49 -20.72
C ALA B 442 20.51 -1.39 -21.82
N THR B 443 21.41 -2.16 -22.41
CA THR B 443 21.07 -3.30 -23.26
C THR B 443 21.91 -4.47 -22.74
N GLU B 444 21.72 -5.63 -23.34
CA GLU B 444 22.45 -6.84 -22.96
C GLU B 444 23.95 -6.66 -22.94
N THR B 445 24.47 -5.88 -23.90
CA THR B 445 25.91 -5.69 -24.07
C THR B 445 26.49 -4.40 -23.48
N THR B 446 25.72 -3.31 -23.51
CA THR B 446 26.29 -1.96 -23.32
C THR B 446 25.41 -1.03 -22.46
N TYR B 447 26.07 -0.27 -21.60
CA TYR B 447 25.46 0.85 -20.90
C TYR B 447 25.77 2.10 -21.68
N THR B 448 24.75 2.96 -21.83
CA THR B 448 24.92 4.28 -22.46
C THR B 448 24.54 5.31 -21.42
N PHE B 449 25.37 6.35 -21.31
CA PHE B 449 25.26 7.38 -20.28
C PHE B 449 24.92 8.74 -20.90
N GLU B 450 23.84 9.35 -20.43
CA GLU B 450 23.30 10.59 -21.00
C GLU B 450 23.02 11.63 -19.92
N ILE B 451 23.11 12.91 -20.30
CA ILE B 451 22.71 14.02 -19.43
C ILE B 451 21.79 14.99 -20.16
N LYS B 452 21.04 15.77 -19.38
CA LYS B 452 20.29 16.91 -19.89
C LYS B 452 20.41 18.05 -18.87
N ALA B 453 20.85 19.22 -19.33
CA ALA B 453 20.89 20.43 -18.49
C ALA B 453 20.62 21.67 -19.34
N ALA B 454 19.85 22.60 -18.78
CA ALA B 454 19.40 23.81 -19.48
C ALA B 454 18.84 23.50 -20.88
N HIS B 455 18.00 22.46 -20.92
CA HIS B 455 17.31 22.01 -22.14
C HIS B 455 18.24 21.60 -23.29
N VAL B 456 19.39 21.04 -22.94
CA VAL B 456 20.38 20.54 -23.89
C VAL B 456 20.77 19.15 -23.42
N SER B 457 20.60 18.14 -24.28
CA SER B 457 20.98 16.77 -23.96
C SER B 457 22.25 16.36 -24.72
N ALA B 458 22.95 15.35 -24.20
CA ALA B 458 24.14 14.79 -24.83
C ALA B 458 24.51 13.38 -24.29
N ILE B 459 24.98 12.51 -25.16
CA ILE B 459 25.59 11.24 -24.78
C ILE B 459 27.05 11.48 -24.40
N LEU B 460 27.41 11.17 -23.16
CA LEU B 460 28.79 11.32 -22.65
C LEU B 460 29.72 10.19 -23.00
N GLY B 461 29.16 8.99 -23.17
CA GLY B 461 29.98 7.79 -23.38
C GLY B 461 29.23 6.51 -23.12
N THR B 462 29.97 5.40 -23.14
CA THR B 462 29.40 4.06 -23.10
C THR B 462 30.35 3.11 -22.40
N ALA B 463 29.84 1.96 -21.98
CA ALA B 463 30.64 0.95 -21.30
C ALA B 463 29.94 -0.42 -21.40
N SER B 464 30.73 -1.48 -21.23
CA SER B 464 30.22 -2.86 -21.44
C SER B 464 29.59 -3.47 -20.17
N THR B 465 28.58 -4.32 -20.38
CA THR B 465 28.07 -5.18 -19.31
C THR B 465 29.08 -6.28 -19.00
N ARG B 466 29.84 -6.67 -20.02
CA ARG B 466 30.86 -7.71 -19.89
C ARG B 466 31.88 -7.44 -18.78
N ASP B 467 32.38 -6.20 -18.69
CA ASP B 467 33.43 -5.87 -17.73
C ASP B 467 32.93 -5.68 -16.28
N VAL B 468 31.61 -5.64 -16.09
CA VAL B 468 31.02 -5.72 -14.76
C VAL B 468 30.31 -7.06 -14.52
N SER B 469 30.59 -8.07 -15.35
CA SER B 469 29.91 -9.37 -15.24
C SER B 469 30.60 -10.24 -14.17
N ASN B 470 29.85 -11.21 -13.66
CA ASN B 470 30.35 -12.18 -12.65
C ASN B 470 31.62 -12.92 -13.07
N GLU B 471 31.69 -13.31 -14.34
CA GLU B 471 32.79 -14.11 -14.86
C GLU B 471 34.12 -13.35 -14.87
N VAL B 472 34.02 -12.03 -15.01
CA VAL B 472 35.16 -11.11 -14.95
C VAL B 472 35.47 -10.64 -13.51
N VAL B 473 34.44 -10.25 -12.77
CA VAL B 473 34.59 -9.58 -11.47
C VAL B 473 34.58 -10.55 -10.28
N GLY B 474 33.95 -11.71 -10.45
CA GLY B 474 33.86 -12.72 -9.41
C GLY B 474 32.82 -12.41 -8.35
N GLY B 475 32.85 -13.19 -7.28
CA GLY B 475 31.91 -13.05 -6.18
C GLY B 475 30.51 -13.58 -6.47
N PHE B 476 29.56 -13.19 -5.62
CA PHE B 476 28.23 -13.80 -5.56
C PHE B 476 27.06 -12.84 -5.87
N THR B 477 27.39 -11.67 -6.39
CA THR B 477 26.40 -10.60 -6.58
C THR B 477 26.15 -10.28 -8.06
N GLY B 478 25.26 -9.32 -8.28
CA GLY B 478 25.00 -8.75 -9.60
C GLY B 478 24.79 -7.26 -9.49
N VAL B 479 24.62 -6.63 -10.65
CA VAL B 479 24.68 -5.18 -10.75
C VAL B 479 23.56 -4.48 -9.98
N PHE B 480 23.93 -3.40 -9.27
CA PHE B 480 22.97 -2.46 -8.69
C PHE B 480 23.15 -1.13 -9.40
N ILE B 481 22.06 -0.43 -9.63
CA ILE B 481 22.12 0.93 -10.13
C ILE B 481 21.55 1.81 -9.03
N GLY B 482 22.30 2.84 -8.66
CA GLY B 482 21.93 3.68 -7.52
C GLY B 482 22.42 5.13 -7.56
N MET B 483 21.84 5.92 -6.66
CA MET B 483 22.21 7.30 -6.42
C MET B 483 23.42 7.30 -5.48
N TYR B 484 24.31 8.27 -5.66
CA TYR B 484 25.60 8.28 -4.97
C TYR B 484 26.07 9.71 -4.75
N ALA B 485 26.72 9.93 -3.61
CA ALA B 485 27.37 11.17 -3.28
C ALA B 485 28.59 10.85 -2.43
N SER B 486 29.69 11.55 -2.67
CA SER B 486 30.91 11.34 -1.89
C SER B 486 31.88 12.49 -2.08
N GLY B 487 32.57 12.83 -1.00
CA GLY B 487 33.65 13.83 -1.04
C GLY B 487 35.04 13.24 -0.99
N ASN B 488 35.18 11.92 -1.12
CA ASN B 488 36.50 11.29 -1.32
C ASN B 488 37.61 11.78 -0.35
N GLY B 489 37.39 11.61 0.94
CA GLY B 489 38.35 12.03 1.97
C GLY B 489 37.81 13.14 2.84
N GLN B 490 36.93 13.98 2.28
CA GLN B 490 36.20 15.00 3.06
C GLN B 490 34.71 14.84 2.82
N ALA B 491 33.90 15.43 3.70
CA ALA B 491 32.46 15.55 3.45
C ALA B 491 32.17 16.50 2.28
N ASN B 492 31.07 16.24 1.59
CA ASN B 492 30.56 17.18 0.58
C ASN B 492 30.04 18.43 1.31
N THR B 493 30.35 19.60 0.77
CA THR B 493 29.89 20.87 1.32
C THR B 493 28.37 20.95 1.22
N ASN B 494 27.83 20.62 0.04
CA ASN B 494 26.39 20.69 -0.23
C ASN B 494 25.78 19.30 -0.37
N PRO B 495 24.47 19.21 -0.15
CA PRO B 495 23.78 17.96 -0.44
C PRO B 495 23.43 17.81 -1.92
N ALA B 496 23.23 16.55 -2.32
CA ALA B 496 22.69 16.22 -3.64
C ALA B 496 21.24 15.84 -3.43
N ASP B 497 20.34 16.58 -4.07
CA ASP B 497 18.89 16.41 -3.89
C ASP B 497 18.32 15.78 -5.14
N PHE B 498 17.82 14.55 -5.00
CA PHE B 498 17.23 13.81 -6.12
C PHE B 498 15.72 14.03 -6.01
N ASP B 499 15.17 14.75 -6.98
CA ASP B 499 13.76 15.07 -7.06
C ASP B 499 12.99 13.79 -7.43
N TRP B 500 13.45 13.09 -8.46
CA TRP B 500 12.87 11.81 -8.82
C TRP B 500 13.88 10.82 -9.38
N PHE B 501 13.44 9.57 -9.49
CA PHE B 501 14.23 8.48 -10.06
C PHE B 501 13.30 7.58 -10.88
N ASP B 502 13.56 7.45 -12.18
CA ASP B 502 12.78 6.61 -13.09
C ASP B 502 13.47 5.27 -13.32
N PHE B 503 12.70 4.20 -13.27
CA PHE B 503 13.21 2.85 -13.50
C PHE B 503 12.25 2.14 -14.48
N ARG B 504 12.54 2.23 -15.78
CA ARG B 504 11.68 1.65 -16.82
C ARG B 504 12.37 0.47 -17.49
N CYS B 505 11.88 -0.74 -17.24
CA CYS B 505 12.30 -1.94 -18.00
C CYS B 505 11.56 -1.96 -19.34
N LEU B 506 12.28 -2.22 -20.44
CA LEU B 506 11.69 -2.13 -21.80
C LEU B 506 10.68 -3.25 -22.12
CA CA C . -11.50 -14.58 -2.28
CA CA D . 10.06 14.68 -6.15
#